data_8TBW
#
_entry.id   8TBW
#
_cell.length_a   66.052
_cell.length_b   157.570
_cell.length_c   185.912
_cell.angle_alpha   90.000
_cell.angle_beta   90.000
_cell.angle_gamma   90.000
#
_symmetry.space_group_name_H-M   'C 2 2 21'
#
loop_
_entity.id
_entity.type
_entity.pdbx_description
1 polymer 'HLA-A*02:01 alpha chain'
2 polymer Beta-2-microglobulin
3 polymer 'Sorting nexin 24 (127-135) peptide'
4 non-polymer 'NITRATE ION'
5 water water
#
loop_
_entity_poly.entity_id
_entity_poly.type
_entity_poly.pdbx_seq_one_letter_code
_entity_poly.pdbx_strand_id
1 'polypeptide(L)'
;GSHSMRYFFTSVSRPGRGEPRFIAVGYVDDTQFVRFDSDAASQRMEPRAPWIEQEGPEYWDGETRKVKAHSQTHRVDLGT
LRGYYNQSEAGSHTVQRMYGCDVGSDWRFLRGYHQYAYDGKDYIALKEDLRSWTAADMAAQTTKHKWEAAHVAEQLRAYL
EGTCVEWLRRYLENGKETLQRTDAPKTHMTHHAVSDHEATLRCWALSFYPAEITLTWQRDGEDQTQDTELVETRPAGDGT
FQKWAAVVVPSGQEQRYTCHVQHEGLPKPLTLRWE
;
A,D
2 'polypeptide(L)'
;MIQRTPKIQVYSRHPAENGKSNFLNCYVSGFHPSDIEVDLLKNGERIEKVEHSDLSFSKDWSFYLLYYTEFTPTEKDEYA
CRVNHVTLSQPKIVKWDRDM
;
B,E
3 'polypeptide(L)' KLSHQPVLL C,F
#
loop_
_chem_comp.id
_chem_comp.type
_chem_comp.name
_chem_comp.formula
NO3 non-polymer 'NITRATE ION' 'N O3 -1'
#
# COMPACT_ATOMS: atom_id res chain seq x y z
N GLY A 1 -10.18 18.61 21.65
CA GLY A 1 -9.96 18.25 20.26
C GLY A 1 -11.12 18.72 19.39
N SER A 2 -11.05 18.36 18.10
CA SER A 2 -12.07 18.72 17.14
C SER A 2 -13.25 17.77 17.23
N HIS A 3 -14.36 18.19 16.65
CA HIS A 3 -15.56 17.38 16.69
C HIS A 3 -16.32 17.53 15.38
N SER A 4 -17.29 16.65 15.17
CA SER A 4 -18.10 16.74 13.97
C SER A 4 -19.49 16.20 14.25
N MET A 5 -20.44 16.64 13.43
CA MET A 5 -21.76 16.03 13.35
C MET A 5 -22.01 15.69 11.90
N ARG A 6 -22.56 14.49 11.66
CA ARG A 6 -22.78 14.04 10.29
C ARG A 6 -24.05 13.24 10.22
N TYR A 7 -24.78 13.40 9.13
CA TYR A 7 -25.94 12.59 8.83
C TYR A 7 -25.69 11.83 7.53
N PHE A 8 -26.00 10.54 7.53
CA PHE A 8 -25.78 9.67 6.39
C PHE A 8 -27.13 9.10 5.96
N PHE A 9 -27.49 9.30 4.69
CA PHE A 9 -28.76 8.82 4.11
C PHE A 9 -28.48 7.84 2.98
N THR A 10 -29.13 6.68 3.01
CA THR A 10 -29.03 5.69 1.95
C THR A 10 -30.43 5.40 1.42
N SER A 11 -30.60 5.53 0.11
CA SER A 11 -31.88 5.31 -0.56
C SER A 11 -31.67 4.31 -1.67
N VAL A 12 -32.43 3.20 -1.65
CA VAL A 12 -32.24 2.09 -2.58
C VAL A 12 -33.59 1.73 -3.23
N SER A 13 -33.67 1.83 -4.55
CA SER A 13 -34.92 1.50 -5.24
C SER A 13 -35.10 -0.01 -5.30
N ARG A 14 -36.35 -0.45 -5.31
CA ARG A 14 -36.71 -1.86 -5.26
C ARG A 14 -37.79 -2.10 -6.31
N PRO A 15 -37.40 -2.18 -7.58
CA PRO A 15 -38.40 -2.32 -8.65
C PRO A 15 -39.31 -3.51 -8.41
N GLY A 16 -40.62 -3.26 -8.46
CA GLY A 16 -41.61 -4.29 -8.23
C GLY A 16 -41.86 -4.66 -6.80
N ARG A 17 -41.07 -4.13 -5.86
CA ARG A 17 -41.21 -4.46 -4.44
C ARG A 17 -41.66 -3.24 -3.62
N GLY A 18 -42.38 -2.32 -4.25
CA GLY A 18 -42.94 -1.19 -3.55
C GLY A 18 -41.99 0.01 -3.47
N GLU A 19 -42.08 0.73 -2.36
CA GLU A 19 -41.35 1.98 -2.23
C GLU A 19 -39.86 1.72 -2.02
N PRO A 20 -39.03 2.71 -2.29
CA PRO A 20 -37.58 2.56 -2.03
C PRO A 20 -37.29 2.45 -0.54
N ARG A 21 -36.24 1.70 -0.23
CA ARG A 21 -35.74 1.61 1.13
C ARG A 21 -35.00 2.90 1.45
N PHE A 22 -35.24 3.45 2.64
CA PHE A 22 -34.58 4.67 3.06
C PHE A 22 -34.11 4.51 4.49
N ILE A 23 -32.81 4.74 4.71
CA ILE A 23 -32.19 4.66 6.03
C ILE A 23 -31.41 5.94 6.27
N ALA A 24 -31.58 6.53 7.45
CA ALA A 24 -30.85 7.73 7.85
C ALA A 24 -30.20 7.44 9.19
N VAL A 25 -28.91 7.79 9.36
CA VAL A 25 -28.28 7.74 10.67
C VAL A 25 -27.57 9.06 10.94
N GLY A 26 -27.44 9.40 12.22
CA GLY A 26 -26.79 10.63 12.64
C GLY A 26 -25.67 10.28 13.61
N TYR A 27 -24.53 10.94 13.46
CA TYR A 27 -23.34 10.73 14.28
C TYR A 27 -22.83 12.04 14.85
N VAL A 28 -22.38 12.00 16.10
CA VAL A 28 -21.48 12.98 16.67
C VAL A 28 -20.12 12.28 16.83
N ASP A 29 -19.11 12.81 16.16
CA ASP A 29 -17.81 12.14 16.12
C ASP A 29 -18.03 10.70 15.69
N ASP A 30 -17.59 9.74 16.50
CA ASP A 30 -17.72 8.33 16.15
C ASP A 30 -18.85 7.65 16.91
N THR A 31 -19.83 8.40 17.41
CA THR A 31 -20.95 7.87 18.20
C THR A 31 -22.25 8.11 17.47
N GLN A 32 -22.94 7.03 17.10
CA GLN A 32 -24.25 7.16 16.48
C GLN A 32 -25.27 7.59 17.53
N PHE A 33 -26.17 8.52 17.18
CA PHE A 33 -27.16 8.94 18.17
C PHE A 33 -28.60 8.90 17.70
N VAL A 34 -28.89 8.86 16.39
CA VAL A 34 -30.27 8.71 15.91
C VAL A 34 -30.27 7.81 14.69
N ARG A 35 -31.44 7.24 14.40
CA ARG A 35 -31.64 6.47 13.18
C ARG A 35 -33.09 6.61 12.75
N PHE A 36 -33.32 6.37 11.44
CA PHE A 36 -34.64 6.25 10.86
C PHE A 36 -34.57 5.17 9.78
N ASP A 37 -35.54 4.27 9.78
CA ASP A 37 -35.61 3.22 8.77
C ASP A 37 -37.03 3.16 8.21
N SER A 38 -37.13 3.32 6.88
CA SER A 38 -38.41 3.28 6.21
C SER A 38 -39.14 1.95 6.38
N ASP A 39 -38.42 0.86 6.64
CA ASP A 39 -39.08 -0.44 6.77
C ASP A 39 -39.47 -0.77 8.20
N ALA A 40 -39.03 0.03 9.18
CA ALA A 40 -39.36 -0.23 10.57
C ALA A 40 -40.80 0.19 10.88
N ALA A 41 -41.30 -0.29 12.01
CA ALA A 41 -42.70 -0.11 12.37
C ALA A 41 -43.00 1.32 12.83
N SER A 42 -42.10 1.94 13.57
CA SER A 42 -42.43 3.18 14.28
C SER A 42 -42.66 4.36 13.34
N GLN A 43 -41.98 4.39 12.19
CA GLN A 43 -42.01 5.54 11.29
C GLN A 43 -41.62 6.84 12.00
N ARG A 44 -40.72 6.76 12.97
CA ARG A 44 -40.21 7.95 13.66
C ARG A 44 -38.69 7.91 13.70
N MET A 45 -38.09 9.10 13.82
CA MET A 45 -36.69 9.16 14.22
C MET A 45 -36.55 8.54 15.60
N GLU A 46 -35.52 7.71 15.80
CA GLU A 46 -35.36 7.01 17.07
C GLU A 46 -34.01 7.29 17.72
N PRO A 47 -33.96 7.33 19.04
CA PRO A 47 -32.66 7.48 19.73
C PRO A 47 -31.79 6.25 19.60
N ARG A 48 -30.47 6.47 19.48
CA ARG A 48 -29.49 5.39 19.50
C ARG A 48 -28.36 5.66 20.48
N ALA A 49 -28.47 6.70 21.32
CA ALA A 49 -27.49 6.98 22.37
C ALA A 49 -28.25 7.46 23.59
N PRO A 50 -27.79 7.12 24.81
CA PRO A 50 -28.57 7.50 26.00
C PRO A 50 -28.77 9.00 26.15
N TRP A 51 -27.72 9.80 25.93
CA TRP A 51 -27.81 11.23 26.20
C TRP A 51 -28.84 11.94 25.31
N ILE A 52 -29.19 11.38 24.14
CA ILE A 52 -30.18 12.05 23.30
C ILE A 52 -31.62 11.77 23.76
N GLU A 53 -31.85 10.71 24.53
CA GLU A 53 -33.18 10.35 25.00
C GLU A 53 -33.81 11.43 25.87
N GLN A 54 -33.02 12.29 26.50
CA GLN A 54 -33.55 13.40 27.29
C GLN A 54 -34.28 14.44 26.44
N GLU A 55 -34.11 14.44 25.12
CA GLU A 55 -34.81 15.42 24.30
C GLU A 55 -36.30 15.12 24.34
N GLY A 56 -37.10 16.18 24.43
CA GLY A 56 -38.53 16.03 24.61
C GLY A 56 -39.27 15.79 23.31
N PRO A 57 -40.60 15.71 23.42
CA PRO A 57 -41.41 15.33 22.24
C PRO A 57 -41.35 16.31 21.09
N GLU A 58 -41.15 17.61 21.34
CA GLU A 58 -41.03 18.55 20.23
C GLU A 58 -39.77 18.26 19.40
N TYR A 59 -38.67 17.91 20.06
CA TYR A 59 -37.48 17.50 19.32
C TYR A 59 -37.78 16.31 18.41
N TRP A 60 -38.32 15.23 18.97
CA TRP A 60 -38.54 14.02 18.20
C TRP A 60 -39.56 14.24 17.09
N ASP A 61 -40.61 15.02 17.37
CA ASP A 61 -41.58 15.36 16.33
C ASP A 61 -40.92 16.11 15.19
N GLY A 62 -40.08 17.09 15.53
CA GLY A 62 -39.45 17.89 14.49
C GLY A 62 -38.47 17.10 13.65
N GLU A 63 -37.69 16.23 14.30
CA GLU A 63 -36.73 15.41 13.54
C GLU A 63 -37.44 14.38 12.69
N THR A 64 -38.55 13.84 13.18
CA THR A 64 -39.34 12.90 12.38
C THR A 64 -39.91 13.57 11.12
N ARG A 65 -40.47 14.78 11.27
CA ARG A 65 -40.99 15.50 10.11
C ARG A 65 -39.90 15.76 9.07
N LYS A 66 -38.72 16.20 9.51
CA LYS A 66 -37.65 16.50 8.57
C LYS A 66 -37.10 15.24 7.90
N VAL A 67 -36.98 14.14 8.64
CA VAL A 67 -36.42 12.94 8.02
C VAL A 67 -37.42 12.33 7.02
N LYS A 68 -38.72 12.49 7.25
CA LYS A 68 -39.71 12.05 6.25
C LYS A 68 -39.65 12.93 5.01
N ALA A 69 -39.47 14.25 5.19
CA ALA A 69 -39.25 15.13 4.05
C ALA A 69 -38.01 14.71 3.24
N HIS A 70 -36.91 14.38 3.93
CA HIS A 70 -35.73 13.87 3.24
C HIS A 70 -36.06 12.60 2.45
N SER A 71 -36.87 11.70 3.05
CA SER A 71 -37.24 10.47 2.37
C SER A 71 -38.08 10.75 1.12
N GLN A 72 -39.00 11.72 1.20
CA GLN A 72 -39.82 12.02 0.02
C GLN A 72 -38.95 12.57 -1.10
N THR A 73 -37.98 13.44 -0.79
CA THR A 73 -37.12 13.98 -1.84
C THR A 73 -36.23 12.90 -2.44
N HIS A 74 -35.73 11.97 -1.63
CA HIS A 74 -34.89 10.91 -2.21
C HIS A 74 -35.69 9.96 -3.08
N ARG A 75 -36.96 9.72 -2.73
CA ARG A 75 -37.82 8.93 -3.60
C ARG A 75 -37.85 9.53 -5.00
N VAL A 76 -38.08 10.84 -5.09
CA VAL A 76 -38.11 11.50 -6.40
C VAL A 76 -36.71 11.54 -7.03
N ASP A 77 -35.66 11.74 -6.21
CA ASP A 77 -34.30 11.79 -6.75
C ASP A 77 -33.94 10.52 -7.52
N LEU A 78 -34.28 9.34 -6.99
CA LEU A 78 -34.05 8.08 -7.70
C LEU A 78 -34.65 8.12 -9.09
N GLY A 79 -35.91 8.53 -9.20
CA GLY A 79 -36.54 8.64 -10.50
C GLY A 79 -35.89 9.69 -11.37
N THR A 80 -35.41 10.78 -10.76
CA THR A 80 -34.76 11.85 -11.52
C THR A 80 -33.45 11.35 -12.11
N LEU A 81 -32.63 10.68 -11.30
CA LEU A 81 -31.34 10.20 -11.77
C LEU A 81 -31.48 9.10 -12.82
N ARG A 82 -32.47 8.22 -12.67
CA ARG A 82 -32.73 7.22 -13.70
C ARG A 82 -32.95 7.88 -15.06
N GLY A 83 -33.60 9.05 -15.07
CA GLY A 83 -33.82 9.74 -16.33
C GLY A 83 -32.55 10.40 -16.86
N TYR A 84 -31.83 11.13 -15.99
CA TYR A 84 -30.57 11.72 -16.43
C TYR A 84 -29.66 10.69 -17.07
N TYR A 85 -29.59 9.49 -16.50
CA TYR A 85 -28.71 8.45 -17.01
C TYR A 85 -29.39 7.52 -18.01
N ASN A 86 -30.62 7.80 -18.40
CA ASN A 86 -31.34 6.99 -19.39
C ASN A 86 -31.29 5.51 -19.02
N GLN A 87 -31.69 5.20 -17.79
CA GLN A 87 -31.73 3.84 -17.29
C GLN A 87 -33.17 3.34 -17.20
N SER A 88 -33.33 2.01 -17.28
CA SER A 88 -34.65 1.42 -17.26
C SER A 88 -35.21 1.38 -15.84
N GLU A 89 -36.52 1.14 -15.73
CA GLU A 89 -37.12 1.02 -14.42
C GLU A 89 -36.85 -0.33 -13.76
N ALA A 90 -36.14 -1.24 -14.44
CA ALA A 90 -36.02 -2.62 -13.98
C ALA A 90 -34.99 -2.80 -12.89
N GLY A 91 -33.88 -2.05 -12.95
CA GLY A 91 -32.77 -2.29 -12.04
C GLY A 91 -32.87 -1.50 -10.74
N SER A 92 -32.21 -2.01 -9.71
CA SER A 92 -32.09 -1.30 -8.44
C SER A 92 -30.92 -0.34 -8.47
N HIS A 93 -31.10 0.83 -7.86
CA HIS A 93 -30.08 1.87 -7.86
C HIS A 93 -30.00 2.52 -6.48
N THR A 94 -28.86 3.11 -6.16
CA THR A 94 -28.60 3.64 -4.83
C THR A 94 -28.24 5.11 -4.90
N VAL A 95 -28.94 5.93 -4.11
CA VAL A 95 -28.56 7.31 -3.88
C VAL A 95 -28.06 7.42 -2.45
N GLN A 96 -26.92 8.07 -2.26
CA GLN A 96 -26.40 8.38 -0.93
C GLN A 96 -26.24 9.88 -0.78
N ARG A 97 -26.51 10.37 0.41
CA ARG A 97 -26.30 11.77 0.75
C ARG A 97 -25.59 11.84 2.08
N MET A 98 -24.63 12.75 2.20
CA MET A 98 -24.03 13.04 3.49
C MET A 98 -23.96 14.55 3.68
N TYR A 99 -24.28 15.02 4.89
CA TYR A 99 -24.00 16.41 5.22
C TYR A 99 -23.67 16.56 6.70
N GLY A 100 -23.12 17.72 7.05
CA GLY A 100 -22.69 17.97 8.41
C GLY A 100 -21.56 18.98 8.44
N CYS A 101 -20.97 19.09 9.62
CA CYS A 101 -20.01 20.16 9.90
C CYS A 101 -18.93 19.63 10.83
N ASP A 102 -17.72 20.20 10.70
CA ASP A 102 -16.61 19.96 11.62
C ASP A 102 -16.34 21.25 12.39
N VAL A 103 -15.91 21.11 13.65
CA VAL A 103 -15.51 22.26 14.43
C VAL A 103 -14.16 21.98 15.06
N GLY A 104 -13.45 23.04 15.38
CA GLY A 104 -12.15 22.92 16.01
C GLY A 104 -12.26 22.76 17.52
N SER A 105 -11.10 22.78 18.18
CA SER A 105 -11.08 22.53 19.62
C SER A 105 -11.75 23.65 20.41
N ASP A 106 -12.00 24.80 19.80
CA ASP A 106 -12.81 25.86 20.40
C ASP A 106 -14.29 25.74 20.04
N TRP A 107 -14.65 24.65 19.35
CA TRP A 107 -16.01 24.31 18.93
C TRP A 107 -16.59 25.30 17.92
N ARG A 108 -15.73 26.09 17.28
CA ARG A 108 -16.15 26.95 16.20
C ARG A 108 -16.02 26.25 14.85
N PHE A 109 -16.90 26.63 13.92
CA PHE A 109 -16.99 26.02 12.60
C PHE A 109 -15.65 25.95 11.88
N LEU A 110 -15.35 24.78 11.31
CA LEU A 110 -14.15 24.58 10.49
C LEU A 110 -14.49 24.24 9.04
N ARG A 111 -15.44 23.34 8.83
CA ARG A 111 -15.73 22.84 7.50
C ARG A 111 -17.15 22.31 7.47
N GLY A 112 -17.83 22.50 6.34
CA GLY A 112 -19.16 21.98 6.14
C GLY A 112 -19.18 21.03 4.95
N TYR A 113 -20.16 20.14 4.89
CA TYR A 113 -20.23 19.15 3.82
C TYR A 113 -21.67 19.02 3.38
N HIS A 114 -21.87 18.77 2.08
CA HIS A 114 -23.18 18.41 1.57
C HIS A 114 -22.95 17.76 0.21
N GLN A 115 -23.04 16.43 0.15
CA GLN A 115 -22.61 15.75 -1.06
C GLN A 115 -23.43 14.50 -1.30
N TYR A 116 -23.45 14.08 -2.57
CA TYR A 116 -24.26 12.98 -3.05
C TYR A 116 -23.45 12.04 -3.91
N ALA A 117 -23.82 10.77 -3.84
CA ALA A 117 -23.33 9.72 -4.73
C ALA A 117 -24.52 9.02 -5.37
N TYR A 118 -24.28 8.44 -6.54
CA TYR A 118 -25.25 7.62 -7.25
C TYR A 118 -24.54 6.32 -7.65
N ASP A 119 -25.13 5.18 -7.27
CA ASP A 119 -24.53 3.87 -7.53
C ASP A 119 -23.03 3.83 -7.25
N GLY A 120 -22.62 4.39 -6.11
CA GLY A 120 -21.29 4.16 -5.63
C GLY A 120 -20.24 5.13 -6.13
N LYS A 121 -20.61 6.11 -6.97
CA LYS A 121 -19.65 7.11 -7.44
C LYS A 121 -20.17 8.50 -7.13
N ASP A 122 -19.23 9.44 -6.99
CA ASP A 122 -19.59 10.83 -6.76
C ASP A 122 -20.63 11.27 -7.77
N TYR A 123 -21.61 12.06 -7.30
CA TYR A 123 -22.53 12.76 -8.18
C TYR A 123 -22.33 14.28 -8.12
N ILE A 124 -22.50 14.89 -6.95
CA ILE A 124 -22.25 16.32 -6.78
C ILE A 124 -21.88 16.57 -5.33
N ALA A 125 -21.12 17.63 -5.09
CA ALA A 125 -20.65 17.92 -3.75
C ALA A 125 -20.44 19.42 -3.57
N LEU A 126 -20.89 19.92 -2.43
CA LEU A 126 -20.62 21.31 -2.07
C LEU A 126 -19.13 21.49 -1.81
N LYS A 127 -18.53 22.53 -2.36
CA LYS A 127 -17.10 22.72 -2.15
C LYS A 127 -16.86 23.42 -0.81
N GLU A 128 -15.57 23.49 -0.42
CA GLU A 128 -15.22 23.96 0.91
C GLU A 128 -15.63 25.41 1.13
N ASP A 129 -15.64 26.23 0.08
CA ASP A 129 -16.03 27.62 0.26
C ASP A 129 -17.53 27.79 0.50
N LEU A 130 -18.32 26.73 0.36
CA LEU A 130 -19.76 26.74 0.61
C LEU A 130 -20.51 27.67 -0.34
N ARG A 131 -19.93 27.96 -1.50
CA ARG A 131 -20.57 28.78 -2.51
C ARG A 131 -20.73 28.06 -3.85
N SER A 132 -19.96 27.01 -4.11
CA SER A 132 -19.90 26.39 -5.42
C SER A 132 -19.94 24.88 -5.29
N TRP A 133 -20.15 24.22 -6.43
CA TRP A 133 -20.39 22.79 -6.50
C TRP A 133 -19.38 22.09 -7.40
N THR A 134 -19.06 20.85 -7.07
CA THR A 134 -18.28 20.00 -7.96
C THR A 134 -19.25 19.00 -8.57
N ALA A 135 -19.51 19.14 -9.86
CA ALA A 135 -20.31 18.17 -10.58
C ALA A 135 -19.39 17.07 -11.08
N ALA A 136 -19.65 15.83 -10.66
CA ALA A 136 -18.76 14.72 -11.00
C ALA A 136 -18.73 14.39 -12.50
N ASP A 137 -19.79 14.70 -13.24
CA ASP A 137 -19.90 14.29 -14.64
C ASP A 137 -20.91 15.18 -15.35
N MET A 138 -21.21 14.85 -16.61
CA MET A 138 -22.05 15.70 -17.41
C MET A 138 -23.49 15.74 -16.88
N ALA A 139 -24.03 14.60 -16.43
CA ALA A 139 -25.39 14.58 -15.89
C ALA A 139 -25.51 15.49 -14.68
N ALA A 140 -24.51 15.48 -13.80
CA ALA A 140 -24.59 16.29 -12.59
C ALA A 140 -24.50 17.79 -12.89
N GLN A 141 -24.01 18.17 -14.07
CA GLN A 141 -24.04 19.58 -14.46
C GLN A 141 -25.46 20.16 -14.48
N THR A 142 -26.46 19.36 -14.87
CA THR A 142 -27.84 19.80 -14.82
C THR A 142 -28.23 20.23 -13.41
N THR A 143 -27.97 19.37 -12.44
CA THR A 143 -28.29 19.71 -11.05
C THR A 143 -27.54 20.96 -10.63
N LYS A 144 -26.25 21.04 -10.98
CA LYS A 144 -25.42 22.16 -10.54
C LYS A 144 -25.93 23.48 -11.09
N HIS A 145 -26.36 23.50 -12.35
CA HIS A 145 -26.89 24.72 -12.94
C HIS A 145 -28.16 25.15 -12.24
N LYS A 146 -29.03 24.20 -11.92
CA LYS A 146 -30.27 24.51 -11.21
C LYS A 146 -29.95 25.07 -9.82
N TRP A 147 -29.06 24.40 -9.09
CA TRP A 147 -28.73 24.84 -7.73
C TRP A 147 -28.02 26.19 -7.74
N GLU A 148 -27.22 26.46 -8.76
CA GLU A 148 -26.57 27.77 -8.85
C GLU A 148 -27.59 28.87 -9.11
N ALA A 149 -28.54 28.66 -10.02
CA ALA A 149 -29.50 29.72 -10.31
C ALA A 149 -30.46 29.96 -9.15
N ALA A 150 -30.65 28.98 -8.28
CA ALA A 150 -31.53 29.08 -7.13
C ALA A 150 -30.80 29.45 -5.85
N HIS A 151 -29.48 29.64 -5.92
CA HIS A 151 -28.64 29.96 -4.76
C HIS A 151 -28.83 28.96 -3.64
N VAL A 152 -28.92 27.69 -4.00
CA VAL A 152 -29.11 26.65 -2.99
C VAL A 152 -27.98 26.69 -1.97
N ALA A 153 -26.74 26.88 -2.43
CA ALA A 153 -25.60 26.82 -1.51
C ALA A 153 -25.70 27.86 -0.39
N GLU A 154 -26.28 29.01 -0.68
CA GLU A 154 -26.33 30.09 0.31
C GLU A 154 -27.23 29.69 1.48
N GLN A 155 -28.36 29.03 1.21
CA GLN A 155 -29.21 28.55 2.28
C GLN A 155 -28.54 27.43 3.07
N LEU A 156 -27.76 26.57 2.41
CA LEU A 156 -27.07 25.50 3.13
C LEU A 156 -25.94 26.05 3.98
N ARG A 157 -25.25 27.09 3.48
CA ARG A 157 -24.20 27.74 4.25
C ARG A 157 -24.72 28.12 5.64
N ALA A 158 -25.95 28.61 5.69
CA ALA A 158 -26.55 29.02 6.95
C ALA A 158 -26.78 27.83 7.88
N TYR A 159 -27.20 26.69 7.33
CA TYR A 159 -27.41 25.54 8.18
C TYR A 159 -26.08 24.97 8.68
N LEU A 160 -25.10 24.84 7.77
CA LEU A 160 -23.83 24.21 8.13
C LEU A 160 -23.04 25.06 9.12
N GLU A 161 -23.08 26.39 8.95
CA GLU A 161 -22.36 27.30 9.84
C GLU A 161 -23.19 27.71 11.05
N GLY A 162 -24.50 27.50 11.02
CA GLY A 162 -25.37 27.92 12.12
C GLY A 162 -25.95 26.76 12.90
N THR A 163 -27.09 26.23 12.43
CA THR A 163 -27.81 25.20 13.17
C THR A 163 -26.91 24.01 13.49
N CYS A 164 -26.13 23.57 12.50
CA CYS A 164 -25.29 22.39 12.68
C CYS A 164 -24.30 22.61 13.82
N VAL A 165 -23.64 23.77 13.85
CA VAL A 165 -22.68 24.06 14.91
C VAL A 165 -23.39 24.17 16.24
N GLU A 166 -24.52 24.91 16.27
CA GLU A 166 -25.20 25.16 17.53
C GLU A 166 -25.66 23.86 18.18
N TRP A 167 -26.22 22.94 17.40
CA TRP A 167 -26.72 21.68 17.97
C TRP A 167 -25.61 20.69 18.22
N LEU A 168 -24.54 20.70 17.42
CA LEU A 168 -23.37 19.93 17.81
C LEU A 168 -22.87 20.36 19.19
N ARG A 169 -22.79 21.67 19.45
CA ARG A 169 -22.43 22.13 20.80
C ARG A 169 -23.40 21.60 21.84
N ARG A 170 -24.72 21.65 21.56
CA ARG A 170 -25.69 21.22 22.57
C ARG A 170 -25.53 19.74 22.88
N TYR A 171 -25.35 18.91 21.85
CA TYR A 171 -25.13 17.49 22.06
C TYR A 171 -23.85 17.23 22.85
N LEU A 172 -22.76 17.90 22.46
CA LEU A 172 -21.50 17.73 23.17
C LEU A 172 -21.65 18.03 24.65
N GLU A 173 -22.47 19.02 24.99
CA GLU A 173 -22.69 19.36 26.39
C GLU A 173 -23.62 18.35 27.07
N ASN A 174 -24.75 18.05 26.44
CA ASN A 174 -25.68 17.10 27.04
C ASN A 174 -25.08 15.69 27.14
N GLY A 175 -24.24 15.30 26.18
CA GLY A 175 -23.61 14.00 26.24
C GLY A 175 -22.17 14.04 26.73
N LYS A 176 -21.83 15.03 27.59
CA LYS A 176 -20.43 15.31 27.86
C LYS A 176 -19.69 14.09 28.42
N GLU A 177 -20.36 13.29 29.25
CA GLU A 177 -19.70 12.18 29.94
C GLU A 177 -19.17 11.13 28.98
N THR A 178 -19.82 10.97 27.83
CA THR A 178 -19.36 10.04 26.83
C THR A 178 -18.79 10.72 25.60
N LEU A 179 -19.39 11.81 25.11
CA LEU A 179 -18.88 12.39 23.87
C LEU A 179 -17.57 13.13 24.06
N GLN A 180 -17.35 13.71 25.24
CA GLN A 180 -16.12 14.43 25.50
C GLN A 180 -15.07 13.58 26.19
N ARG A 181 -15.34 12.30 26.39
CA ARG A 181 -14.34 11.42 26.95
C ARG A 181 -13.25 11.13 25.91
N THR A 182 -12.07 10.81 26.40
CA THR A 182 -10.97 10.35 25.55
C THR A 182 -10.40 9.10 26.21
N ASP A 183 -10.70 7.93 25.65
CA ASP A 183 -10.25 6.65 26.17
C ASP A 183 -8.99 6.26 25.41
N ALA A 184 -7.85 6.32 26.10
CA ALA A 184 -6.57 5.97 25.48
C ALA A 184 -6.55 4.48 25.15
N PRO A 185 -5.86 4.08 24.10
CA PRO A 185 -5.79 2.64 23.81
C PRO A 185 -5.03 1.91 24.90
N LYS A 186 -5.50 0.70 25.22
CA LYS A 186 -4.71 -0.27 25.93
C LYS A 186 -3.94 -1.10 24.91
N THR A 187 -2.65 -1.28 25.13
CA THR A 187 -1.77 -1.84 24.12
C THR A 187 -1.00 -3.03 24.66
N HIS A 188 -0.68 -3.96 23.76
CA HIS A 188 0.25 -5.04 24.05
C HIS A 188 0.76 -5.57 22.72
N MET A 189 1.80 -6.41 22.80
CA MET A 189 2.46 -6.99 21.63
C MET A 189 2.43 -8.50 21.74
N THR A 190 2.11 -9.18 20.64
CA THR A 190 2.22 -10.63 20.62
C THR A 190 3.30 -11.06 19.65
N HIS A 191 3.79 -12.28 19.84
CA HIS A 191 4.87 -12.87 19.07
C HIS A 191 4.46 -14.28 18.69
N HIS A 192 4.53 -14.59 17.39
CA HIS A 192 4.27 -15.94 16.91
C HIS A 192 5.38 -16.34 15.95
N ALA A 193 5.90 -17.55 16.15
CA ALA A 193 6.84 -18.14 15.21
C ALA A 193 6.06 -18.67 14.01
N VAL A 194 6.36 -18.14 12.82
CA VAL A 194 5.80 -18.70 11.60
C VAL A 194 6.56 -19.98 11.22
N SER A 195 7.88 -19.95 11.36
CA SER A 195 8.70 -21.16 11.24
C SER A 195 9.87 -21.07 12.21
N ASP A 196 11.00 -21.67 11.86
CA ASP A 196 12.24 -21.47 12.60
C ASP A 196 13.06 -20.31 12.06
N HIS A 197 12.52 -19.58 11.09
CA HIS A 197 13.24 -18.52 10.38
C HIS A 197 12.68 -17.14 10.64
N GLU A 198 11.36 -16.98 10.73
CA GLU A 198 10.79 -15.66 10.87
C GLU A 198 9.64 -15.69 11.86
N ALA A 199 9.36 -14.51 12.42
CA ALA A 199 8.33 -14.34 13.42
C ALA A 199 7.45 -13.15 13.06
N THR A 200 6.19 -13.23 13.44
CA THR A 200 5.25 -12.13 13.31
C THR A 200 5.16 -11.41 14.65
N LEU A 201 5.45 -10.11 14.64
CA LEU A 201 5.15 -9.24 15.77
C LEU A 201 3.83 -8.54 15.47
N ARG A 202 2.91 -8.51 16.44
CA ARG A 202 1.63 -7.84 16.26
C ARG A 202 1.39 -6.86 17.39
N CYS A 203 1.20 -5.60 17.04
CA CYS A 203 1.00 -4.51 18.00
C CYS A 203 -0.51 -4.22 18.10
N TRP A 204 -1.07 -4.33 19.30
CA TRP A 204 -2.52 -4.22 19.52
C TRP A 204 -2.87 -2.91 20.20
N ALA A 205 -3.96 -2.28 19.74
CA ALA A 205 -4.56 -1.14 20.44
C ALA A 205 -6.03 -1.45 20.65
N LEU A 206 -6.49 -1.42 21.90
CA LEU A 206 -7.84 -1.85 22.26
C LEU A 206 -8.54 -0.80 23.11
N SER A 207 -9.88 -0.86 23.06
CA SER A 207 -10.79 -0.03 23.85
C SER A 207 -10.48 1.46 23.80
N PHE A 208 -10.20 1.99 22.60
CA PHE A 208 -9.91 3.42 22.49
C PHE A 208 -11.09 4.18 21.87
N TYR A 209 -11.18 5.48 22.23
CA TYR A 209 -12.17 6.38 21.69
C TYR A 209 -11.57 7.79 21.72
N PRO A 210 -11.68 8.58 20.64
CA PRO A 210 -12.35 8.29 19.35
C PRO A 210 -11.57 7.33 18.46
N ALA A 211 -12.11 7.06 17.27
CA ALA A 211 -11.55 6.05 16.38
C ALA A 211 -10.16 6.45 15.88
N GLU A 212 -9.89 7.73 15.72
CA GLU A 212 -8.65 8.18 15.09
C GLU A 212 -7.43 7.68 15.88
N ILE A 213 -6.49 7.03 15.19
CA ILE A 213 -5.30 6.46 15.85
C ILE A 213 -4.24 6.20 14.78
N THR A 214 -2.97 6.22 15.18
CA THR A 214 -1.86 5.86 14.30
C THR A 214 -0.97 4.81 14.95
N LEU A 215 -0.82 3.68 14.27
CA LEU A 215 0.10 2.62 14.67
C LEU A 215 1.17 2.52 13.61
N THR A 216 2.45 2.62 14.00
CA THR A 216 3.51 2.52 13.01
C THR A 216 4.67 1.69 13.55
N TRP A 217 5.28 0.92 12.65
CA TRP A 217 6.44 0.11 12.99
C TRP A 217 7.71 0.85 12.60
N GLN A 218 8.72 0.73 13.46
CA GLN A 218 10.05 1.23 13.20
C GLN A 218 11.07 0.11 13.39
N ARG A 219 12.13 0.16 12.60
CA ARG A 219 13.29 -0.71 12.76
C ARG A 219 14.50 0.18 12.99
N ASP A 220 15.17 0.00 14.12
CA ASP A 220 16.30 0.86 14.50
C ASP A 220 15.89 2.34 14.52
N GLY A 221 14.65 2.62 14.88
CA GLY A 221 14.23 4.00 14.92
C GLY A 221 13.80 4.60 13.60
N GLU A 222 13.81 3.84 12.50
CA GLU A 222 13.40 4.34 11.19
C GLU A 222 12.08 3.71 10.78
N ASP A 223 11.20 4.50 10.19
CA ASP A 223 9.87 4.01 9.83
C ASP A 223 9.97 2.87 8.83
N GLN A 224 9.18 1.83 9.06
CA GLN A 224 9.26 0.60 8.28
C GLN A 224 7.87 0.26 7.76
N THR A 225 7.73 0.13 6.44
CA THR A 225 6.45 -0.26 5.87
C THR A 225 6.48 -1.59 5.15
N GLN A 226 7.63 -1.98 4.58
CA GLN A 226 7.76 -3.30 3.99
C GLN A 226 7.52 -4.38 5.03
N ASP A 227 6.89 -5.47 4.61
CA ASP A 227 6.65 -6.63 5.47
C ASP A 227 5.71 -6.31 6.64
N THR A 228 4.89 -5.26 6.54
CA THR A 228 3.92 -4.94 7.58
C THR A 228 2.50 -5.18 7.07
N GLU A 229 1.58 -5.36 8.01
CA GLU A 229 0.17 -5.43 7.69
C GLU A 229 -0.59 -4.61 8.73
N LEU A 230 -1.63 -3.92 8.28
CA LEU A 230 -2.39 -2.99 9.11
C LEU A 230 -3.86 -3.22 8.80
N VAL A 231 -4.69 -3.55 9.81
CA VAL A 231 -6.12 -3.75 9.56
C VAL A 231 -6.86 -2.44 9.76
N GLU A 232 -8.05 -2.37 9.15
CA GLU A 232 -8.95 -1.25 9.36
C GLU A 232 -9.33 -1.16 10.82
N THR A 233 -9.36 0.06 11.36
CA THR A 233 -9.91 0.26 12.68
C THR A 233 -11.34 -0.26 12.71
N ARG A 234 -11.69 -0.96 13.78
CA ARG A 234 -12.95 -1.71 13.86
C ARG A 234 -13.65 -1.44 15.18
N PRO A 235 -14.98 -1.43 15.20
CA PRO A 235 -15.71 -1.22 16.46
C PRO A 235 -15.70 -2.43 17.36
N ALA A 236 -15.50 -2.19 18.67
CA ALA A 236 -15.61 -3.27 19.63
C ALA A 236 -17.06 -3.69 19.87
N GLY A 237 -18.01 -2.78 19.62
CA GLY A 237 -19.40 -3.02 19.91
C GLY A 237 -19.90 -2.35 21.18
N ASP A 238 -19.00 -1.84 22.02
CA ASP A 238 -19.36 -1.16 23.26
C ASP A 238 -19.14 0.34 23.19
N GLY A 239 -18.98 0.89 21.99
CA GLY A 239 -18.64 2.29 21.81
C GLY A 239 -17.16 2.59 21.63
N THR A 240 -16.28 1.61 21.83
CA THR A 240 -14.84 1.84 21.65
C THR A 240 -14.36 1.13 20.38
N PHE A 241 -13.05 1.29 20.08
CA PHE A 241 -12.48 0.84 18.83
C PHE A 241 -11.22 0.03 19.08
N GLN A 242 -10.83 -0.75 18.06
CA GLN A 242 -9.73 -1.69 18.09
C GLN A 242 -8.92 -1.56 16.81
N LYS A 243 -7.62 -1.88 16.88
CA LYS A 243 -6.79 -1.88 15.69
C LYS A 243 -5.51 -2.65 16.00
N TRP A 244 -4.93 -3.28 14.98
CA TRP A 244 -3.60 -3.85 15.16
C TRP A 244 -2.76 -3.63 13.91
N ALA A 245 -1.44 -3.70 14.10
CA ALA A 245 -0.44 -3.64 13.03
C ALA A 245 0.59 -4.72 13.28
N ALA A 246 0.98 -5.42 12.22
CA ALA A 246 1.95 -6.50 12.34
C ALA A 246 3.14 -6.30 11.41
N VAL A 247 4.27 -6.86 11.81
CA VAL A 247 5.48 -6.92 10.99
C VAL A 247 6.04 -8.32 11.11
N VAL A 248 6.54 -8.85 9.98
CA VAL A 248 7.23 -10.12 9.92
C VAL A 248 8.72 -9.81 9.94
N VAL A 249 9.45 -10.44 10.87
CA VAL A 249 10.86 -10.10 11.12
C VAL A 249 11.70 -11.37 11.11
N PRO A 250 12.99 -11.28 10.76
CA PRO A 250 13.87 -12.42 10.93
C PRO A 250 13.99 -12.79 12.40
N SER A 251 13.94 -14.10 12.67
CA SER A 251 14.09 -14.54 14.06
C SER A 251 15.47 -14.16 14.57
N GLY A 252 15.52 -13.73 15.83
CA GLY A 252 16.74 -13.19 16.40
C GLY A 252 16.90 -11.70 16.25
N GLN A 253 16.03 -11.04 15.49
CA GLN A 253 16.11 -9.60 15.30
C GLN A 253 14.88 -8.87 15.85
N GLU A 254 14.07 -9.53 16.69
CA GLU A 254 12.86 -8.90 17.23
C GLU A 254 13.18 -7.61 17.98
N GLN A 255 14.33 -7.53 18.63
CA GLN A 255 14.61 -6.37 19.48
C GLN A 255 14.86 -5.08 18.71
N ARG A 256 15.08 -5.17 17.39
CA ARG A 256 15.28 -3.97 16.57
C ARG A 256 13.99 -3.22 16.30
N TYR A 257 12.84 -3.83 16.55
CA TYR A 257 11.57 -3.31 16.08
C TYR A 257 10.80 -2.65 17.23
N THR A 258 10.13 -1.54 16.93
CA THR A 258 9.30 -0.84 17.89
C THR A 258 8.00 -0.46 17.21
N CYS A 259 6.92 -0.55 17.96
CA CYS A 259 5.61 -0.08 17.51
C CYS A 259 5.28 1.21 18.23
N HIS A 260 4.80 2.20 17.48
CA HIS A 260 4.55 3.53 18.00
C HIS A 260 3.06 3.83 17.87
N VAL A 261 2.47 4.31 18.97
CA VAL A 261 1.02 4.47 19.09
C VAL A 261 0.73 5.94 19.38
N GLN A 262 0.02 6.59 18.46
CA GLN A 262 -0.41 7.98 18.60
C GLN A 262 -1.92 8.00 18.73
N HIS A 263 -2.40 8.68 19.78
CA HIS A 263 -3.84 8.81 20.02
C HIS A 263 -4.08 10.01 20.92
N GLU A 264 -5.19 10.72 20.67
CA GLU A 264 -5.46 11.95 21.41
C GLU A 264 -5.62 11.71 22.92
N GLY A 265 -5.95 10.49 23.35
CA GLY A 265 -6.00 10.22 24.78
C GLY A 265 -4.69 9.86 25.45
N LEU A 266 -3.58 9.88 24.71
CA LEU A 266 -2.27 9.61 25.27
C LEU A 266 -1.58 10.91 25.61
N PRO A 267 -1.11 11.12 26.84
CA PRO A 267 -0.30 12.32 27.12
C PRO A 267 1.01 12.35 26.34
N LYS A 268 1.52 11.18 25.96
CA LYS A 268 2.71 11.09 25.12
C LYS A 268 2.52 9.86 24.25
N PRO A 269 3.02 9.86 23.01
CA PRO A 269 2.98 8.62 22.21
C PRO A 269 3.65 7.46 22.94
N LEU A 270 3.12 6.26 22.72
CA LEU A 270 3.68 5.05 23.31
C LEU A 270 4.66 4.39 22.34
N THR A 271 5.70 3.77 22.89
CA THR A 271 6.67 2.96 22.14
C THR A 271 6.69 1.57 22.77
N LEU A 272 6.32 0.55 22.00
CA LEU A 272 6.35 -0.82 22.48
C LEU A 272 7.45 -1.62 21.77
N ARG A 273 8.11 -2.49 22.53
CA ARG A 273 9.14 -3.38 22.03
C ARG A 273 8.84 -4.79 22.53
N TRP A 274 9.24 -5.80 21.77
CA TRP A 274 8.88 -7.17 22.16
C TRP A 274 9.53 -7.56 23.48
N GLU A 275 8.70 -8.03 24.41
CA GLU A 275 9.11 -8.50 25.73
C GLU A 275 10.03 -7.52 26.44
N MET B 1 -22.00 1.72 -12.33
CA MET B 1 -22.19 1.16 -11.01
C MET B 1 -20.92 0.56 -10.44
N ILE B 2 -20.36 1.25 -9.46
CA ILE B 2 -19.18 0.79 -8.74
C ILE B 2 -19.59 -0.33 -7.80
N GLN B 3 -19.03 -1.51 -8.00
CA GLN B 3 -19.16 -2.59 -7.01
C GLN B 3 -17.86 -2.74 -6.24
N ARG B 4 -17.98 -2.95 -4.93
CA ARG B 4 -16.81 -3.17 -4.08
C ARG B 4 -17.07 -4.36 -3.15
N THR B 5 -16.09 -5.22 -3.03
CA THR B 5 -16.30 -6.44 -2.28
C THR B 5 -16.02 -6.20 -0.79
N PRO B 6 -16.79 -6.81 0.10
CA PRO B 6 -16.63 -6.54 1.55
C PRO B 6 -15.30 -7.01 2.09
N LYS B 7 -14.69 -6.16 2.94
CA LYS B 7 -13.64 -6.62 3.83
C LYS B 7 -14.33 -7.22 5.05
N ILE B 8 -13.73 -8.27 5.62
CA ILE B 8 -14.39 -9.02 6.69
C ILE B 8 -13.40 -9.22 7.83
N GLN B 9 -13.80 -8.82 9.05
CA GLN B 9 -13.01 -9.07 10.26
C GLN B 9 -13.88 -9.75 11.29
N VAL B 10 -13.36 -10.80 11.92
CA VAL B 10 -14.07 -11.58 12.93
C VAL B 10 -13.24 -11.56 14.20
N TYR B 11 -13.86 -11.22 15.32
CA TYR B 11 -13.08 -10.92 16.52
C TYR B 11 -14.04 -10.78 17.69
N SER B 12 -13.49 -10.78 18.88
CA SER B 12 -14.33 -10.63 20.06
C SER B 12 -14.22 -9.21 20.62
N ARG B 13 -15.23 -8.85 21.39
CA ARG B 13 -15.27 -7.53 21.99
C ARG B 13 -14.16 -7.34 23.01
N HIS B 14 -13.96 -8.33 23.88
CA HIS B 14 -12.96 -8.31 24.92
C HIS B 14 -11.96 -9.43 24.64
N PRO B 15 -10.75 -9.34 25.18
CA PRO B 15 -9.81 -10.47 25.08
C PRO B 15 -10.52 -11.77 25.44
N ALA B 16 -10.34 -12.78 24.60
CA ALA B 16 -11.06 -14.03 24.81
C ALA B 16 -10.46 -14.76 26.00
N GLU B 17 -11.34 -15.32 26.84
CA GLU B 17 -10.93 -16.16 27.95
C GLU B 17 -11.94 -17.29 28.05
N ASN B 18 -11.46 -18.53 28.04
CA ASN B 18 -12.36 -19.68 28.01
C ASN B 18 -13.24 -19.69 29.25
N GLY B 19 -14.52 -19.94 29.05
CA GLY B 19 -15.48 -19.90 30.14
C GLY B 19 -16.01 -18.53 30.50
N LYS B 20 -15.50 -17.46 29.88
CA LYS B 20 -15.88 -16.08 30.23
C LYS B 20 -16.77 -15.48 29.14
N SER B 21 -17.93 -14.99 29.56
CA SER B 21 -18.91 -14.44 28.64
C SER B 21 -18.33 -13.25 27.86
N ASN B 22 -18.73 -13.13 26.60
CA ASN B 22 -18.09 -12.21 25.69
C ASN B 22 -19.07 -11.88 24.56
N PHE B 23 -18.59 -11.15 23.55
CA PHE B 23 -19.33 -10.87 22.33
C PHE B 23 -18.48 -11.23 21.10
N LEU B 24 -19.09 -11.95 20.16
CA LEU B 24 -18.45 -12.26 18.90
C LEU B 24 -18.92 -11.27 17.83
N ASN B 25 -17.97 -10.65 17.15
CA ASN B 25 -18.22 -9.59 16.17
C ASN B 25 -17.86 -10.06 14.77
N CYS B 26 -18.66 -9.67 13.79
CA CYS B 26 -18.28 -9.78 12.40
C CYS B 26 -18.49 -8.42 11.76
N TYR B 27 -17.38 -7.75 11.45
CA TYR B 27 -17.41 -6.40 10.89
C TYR B 27 -17.20 -6.49 9.38
N VAL B 28 -18.20 -6.06 8.61
CA VAL B 28 -18.12 -6.02 7.15
C VAL B 28 -18.06 -4.56 6.70
N SER B 29 -17.07 -4.23 5.87
CA SER B 29 -16.85 -2.85 5.49
C SER B 29 -16.36 -2.74 4.05
N GLY B 30 -16.41 -1.52 3.53
CA GLY B 30 -15.87 -1.24 2.21
C GLY B 30 -16.65 -1.83 1.05
N PHE B 31 -17.92 -2.16 1.23
CA PHE B 31 -18.65 -2.86 0.18
C PHE B 31 -19.70 -1.95 -0.46
N HIS B 32 -20.05 -2.29 -1.71
CA HIS B 32 -21.05 -1.58 -2.50
C HIS B 32 -21.58 -2.52 -3.58
N PRO B 33 -22.92 -2.61 -3.82
CA PRO B 33 -24.03 -1.90 -3.15
C PRO B 33 -24.31 -2.45 -1.74
N SER B 34 -25.40 -2.01 -1.10
CA SER B 34 -25.61 -2.20 0.32
C SER B 34 -26.23 -3.56 0.68
N ASP B 35 -26.90 -4.24 -0.26
CA ASP B 35 -27.47 -5.55 0.04
C ASP B 35 -26.37 -6.56 0.35
N ILE B 36 -26.47 -7.22 1.50
CA ILE B 36 -25.41 -8.12 1.98
C ILE B 36 -26.04 -9.10 2.96
N GLU B 37 -25.56 -10.34 2.94
CA GLU B 37 -26.01 -11.39 3.84
C GLU B 37 -24.85 -11.79 4.75
N VAL B 38 -25.07 -11.75 6.05
CA VAL B 38 -24.01 -12.02 7.03
C VAL B 38 -24.59 -12.94 8.10
N ASP B 39 -23.91 -14.06 8.35
CA ASP B 39 -24.29 -15.01 9.39
C ASP B 39 -23.09 -15.26 10.30
N LEU B 40 -23.37 -15.50 11.57
CA LEU B 40 -22.36 -15.96 12.50
C LEU B 40 -22.57 -17.45 12.74
N LEU B 41 -21.47 -18.20 12.75
CA LEU B 41 -21.50 -19.66 12.76
C LEU B 41 -20.82 -20.19 14.02
N LYS B 42 -21.40 -21.21 14.62
CA LYS B 42 -20.79 -21.96 15.71
C LYS B 42 -20.67 -23.40 15.25
N ASN B 43 -19.43 -23.88 15.06
CA ASN B 43 -19.18 -25.21 14.49
C ASN B 43 -19.98 -25.43 13.22
N GLY B 44 -19.91 -24.45 12.32
CA GLY B 44 -20.54 -24.55 11.03
C GLY B 44 -22.02 -24.23 10.97
N GLU B 45 -22.70 -24.07 12.12
CA GLU B 45 -24.13 -23.87 12.16
C GLU B 45 -24.48 -22.42 12.44
N ARG B 46 -25.56 -21.96 11.81
CA ARG B 46 -25.97 -20.57 11.91
C ARG B 46 -26.52 -20.25 13.29
N ILE B 47 -25.95 -19.25 13.95
CA ILE B 47 -26.46 -18.73 15.20
C ILE B 47 -27.67 -17.85 14.92
N GLU B 48 -28.73 -17.97 15.72
CA GLU B 48 -29.95 -17.21 15.46
C GLU B 48 -30.02 -15.87 16.18
N LYS B 49 -29.42 -15.73 17.38
CA LYS B 49 -29.50 -14.48 18.14
C LYS B 49 -28.36 -13.54 17.74
N VAL B 50 -28.47 -12.97 16.54
CA VAL B 50 -27.45 -12.06 16.01
C VAL B 50 -28.08 -10.70 15.73
N GLU B 51 -27.47 -9.64 16.23
CA GLU B 51 -27.93 -8.29 15.95
C GLU B 51 -26.91 -7.58 15.06
N HIS B 52 -27.34 -6.46 14.48
CA HIS B 52 -26.42 -5.73 13.61
C HIS B 52 -26.68 -4.24 13.72
N SER B 53 -25.65 -3.47 13.36
CA SER B 53 -25.73 -2.03 13.46
C SER B 53 -26.58 -1.46 12.33
N ASP B 54 -26.93 -0.18 12.46
CA ASP B 54 -27.66 0.51 11.41
C ASP B 54 -26.72 0.79 10.23
N LEU B 55 -27.22 0.58 9.01
CA LEU B 55 -26.42 0.80 7.82
C LEU B 55 -25.86 2.22 7.76
N SER B 56 -24.55 2.32 7.57
CA SER B 56 -23.87 3.61 7.45
C SER B 56 -22.80 3.46 6.38
N PHE B 57 -22.10 4.56 6.06
CA PHE B 57 -21.06 4.45 5.04
C PHE B 57 -19.92 5.43 5.31
N SER B 58 -18.81 5.20 4.61
CA SER B 58 -17.57 5.93 4.82
C SER B 58 -17.45 7.08 3.83
N LYS B 59 -16.34 7.83 3.94
CA LYS B 59 -16.09 8.97 3.05
C LYS B 59 -16.10 8.56 1.58
N ASP B 60 -15.59 7.37 1.25
CA ASP B 60 -15.58 6.91 -0.15
C ASP B 60 -16.91 6.26 -0.58
N TRP B 61 -17.95 6.39 0.24
CA TRP B 61 -19.33 5.95 0.01
C TRP B 61 -19.52 4.44 0.25
N SER B 62 -18.47 3.69 0.57
CA SER B 62 -18.66 2.27 0.80
C SER B 62 -19.32 2.03 2.17
N PHE B 63 -20.14 0.98 2.24
CA PHE B 63 -20.96 0.71 3.41
C PHE B 63 -20.19 -0.10 4.46
N TYR B 64 -20.66 -0.03 5.71
CA TYR B 64 -20.09 -0.90 6.75
C TYR B 64 -21.20 -1.26 7.72
N LEU B 65 -21.10 -2.48 8.29
CA LEU B 65 -22.04 -3.03 9.25
C LEU B 65 -21.29 -3.88 10.26
N LEU B 66 -21.74 -3.83 11.51
CA LEU B 66 -21.25 -4.73 12.55
C LEU B 66 -22.35 -5.71 12.91
N TYR B 67 -22.07 -7.01 12.76
CA TYR B 67 -22.94 -8.06 13.27
C TYR B 67 -22.32 -8.63 14.55
N TYR B 68 -23.16 -8.93 15.55
CA TYR B 68 -22.59 -9.35 16.82
C TYR B 68 -23.55 -10.26 17.56
N THR B 69 -22.98 -11.11 18.42
CA THR B 69 -23.76 -12.01 19.25
C THR B 69 -22.99 -12.29 20.54
N GLU B 70 -23.73 -12.56 21.60
CA GLU B 70 -23.13 -12.99 22.85
C GLU B 70 -22.63 -14.42 22.72
N PHE B 71 -21.44 -14.69 23.24
CA PHE B 71 -20.95 -16.06 23.27
C PHE B 71 -19.98 -16.21 24.43
N THR B 72 -19.78 -17.46 24.82
CA THR B 72 -18.80 -17.84 25.83
C THR B 72 -17.84 -18.79 25.15
N PRO B 73 -16.64 -18.35 24.81
CA PRO B 73 -15.70 -19.25 24.13
C PRO B 73 -15.26 -20.41 25.02
N THR B 74 -14.96 -21.52 24.35
CA THR B 74 -14.33 -22.70 24.96
C THR B 74 -13.10 -23.05 24.14
N GLU B 75 -12.42 -24.10 24.59
CA GLU B 75 -11.20 -24.53 23.92
C GLU B 75 -11.49 -25.06 22.53
N LYS B 76 -12.57 -25.84 22.37
CA LYS B 76 -12.79 -26.61 21.15
C LYS B 76 -13.87 -26.06 20.22
N ASP B 77 -14.68 -25.12 20.66
CA ASP B 77 -15.70 -24.57 19.76
C ASP B 77 -15.08 -23.64 18.74
N GLU B 78 -15.51 -23.78 17.48
CA GLU B 78 -15.04 -22.94 16.39
C GLU B 78 -16.16 -22.00 15.96
N TYR B 79 -15.81 -20.73 15.74
CA TYR B 79 -16.74 -19.70 15.32
C TYR B 79 -16.26 -19.12 14.00
N ALA B 80 -17.18 -18.51 13.25
CA ALA B 80 -16.85 -18.03 11.92
C ALA B 80 -17.94 -17.06 11.45
N CYS B 81 -17.62 -16.32 10.39
CA CYS B 81 -18.52 -15.35 9.79
C CYS B 81 -18.68 -15.68 8.31
N ARG B 82 -19.92 -15.95 7.88
CA ARG B 82 -20.23 -16.27 6.49
C ARG B 82 -20.89 -15.07 5.83
N VAL B 83 -20.36 -14.65 4.68
CA VAL B 83 -20.78 -13.42 4.03
C VAL B 83 -21.08 -13.69 2.56
N ASN B 84 -22.23 -13.22 2.09
CA ASN B 84 -22.60 -13.26 0.68
C ASN B 84 -22.90 -11.84 0.23
N HIS B 85 -22.47 -11.52 -1.00
CA HIS B 85 -22.57 -10.20 -1.61
C HIS B 85 -22.49 -10.41 -3.11
N VAL B 86 -23.04 -9.46 -3.87
CA VAL B 86 -23.10 -9.65 -5.33
C VAL B 86 -21.71 -9.80 -5.94
N THR B 87 -20.69 -9.24 -5.29
CA THR B 87 -19.32 -9.35 -5.83
C THR B 87 -18.68 -10.70 -5.57
N LEU B 88 -19.30 -11.59 -4.79
CA LEU B 88 -18.75 -12.91 -4.52
C LEU B 88 -19.48 -13.96 -5.36
N SER B 89 -18.70 -14.89 -5.93
CA SER B 89 -19.35 -15.98 -6.68
C SER B 89 -19.99 -17.00 -5.76
N GLN B 90 -19.58 -17.02 -4.49
CA GLN B 90 -20.12 -17.95 -3.50
C GLN B 90 -19.86 -17.35 -2.12
N PRO B 91 -20.57 -17.80 -1.09
CA PRO B 91 -20.37 -17.21 0.24
C PRO B 91 -18.95 -17.43 0.73
N LYS B 92 -18.42 -16.41 1.40
CA LYS B 92 -17.07 -16.42 1.97
C LYS B 92 -17.15 -16.64 3.47
N ILE B 93 -16.34 -17.55 3.99
CA ILE B 93 -16.36 -17.90 5.41
C ILE B 93 -15.02 -17.50 6.02
N VAL B 94 -15.05 -16.67 7.05
CA VAL B 94 -13.84 -16.26 7.76
C VAL B 94 -13.91 -16.81 9.18
N LYS B 95 -12.94 -17.65 9.53
CA LYS B 95 -12.93 -18.25 10.86
C LYS B 95 -12.41 -17.25 11.89
N TRP B 96 -12.90 -17.40 13.12
CA TRP B 96 -12.44 -16.60 14.24
C TRP B 96 -11.10 -17.12 14.73
N ASP B 97 -10.13 -16.24 14.78
CA ASP B 97 -8.78 -16.58 15.24
C ASP B 97 -8.58 -15.82 16.56
N ARG B 98 -8.67 -16.53 17.67
CA ARG B 98 -8.38 -15.89 18.94
C ARG B 98 -6.89 -15.60 19.06
N ASP B 99 -6.06 -16.56 18.64
CA ASP B 99 -4.61 -16.51 18.80
C ASP B 99 -3.94 -15.48 17.89
N MET B 100 -4.36 -14.23 17.95
CA MET B 100 -3.67 -13.19 17.21
C MET B 100 -2.92 -12.26 18.17
N LYS C 1 -29.29 18.14 14.92
CA LYS C 1 -30.55 18.39 14.24
C LYS C 1 -30.40 18.37 12.71
N LEU C 2 -31.36 17.70 12.07
CA LEU C 2 -31.45 17.67 10.62
C LEU C 2 -31.65 19.06 10.04
N SER C 3 -31.31 19.19 8.77
CA SER C 3 -31.65 20.37 8.01
C SER C 3 -33.12 20.30 7.54
N HIS C 4 -33.72 21.48 7.33
CA HIS C 4 -35.04 21.53 6.75
C HIS C 4 -35.03 22.10 5.34
N GLN C 5 -33.87 22.30 4.76
CA GLN C 5 -33.78 22.95 3.45
C GLN C 5 -34.30 22.00 2.36
N PRO C 6 -35.10 22.51 1.43
CA PRO C 6 -35.53 21.69 0.28
C PRO C 6 -34.41 21.60 -0.76
N VAL C 7 -33.85 20.40 -0.90
CA VAL C 7 -32.80 20.16 -1.89
C VAL C 7 -33.22 18.98 -2.76
N LEU C 8 -33.40 19.23 -4.06
CA LEU C 8 -33.77 18.19 -5.02
C LEU C 8 -32.73 18.16 -6.13
N LEU C 9 -32.28 16.95 -6.49
CA LEU C 9 -31.30 16.81 -7.57
C LEU C 9 -31.91 17.23 -8.90
N GLY D 1 23.47 17.15 -10.09
CA GLY D 1 22.88 16.28 -9.08
C GLY D 1 23.92 15.47 -8.33
N SER D 2 23.47 14.65 -7.40
CA SER D 2 24.37 13.77 -6.66
C SER D 2 24.58 12.47 -7.44
N HIS D 3 25.68 11.79 -7.11
CA HIS D 3 26.03 10.56 -7.79
C HIS D 3 26.49 9.54 -6.77
N SER D 4 26.59 8.29 -7.22
CA SER D 4 26.94 7.18 -6.34
C SER D 4 27.69 6.12 -7.13
N MET D 5 28.51 5.37 -6.41
CA MET D 5 29.15 4.17 -6.92
C MET D 5 28.88 3.05 -5.93
N ARG D 6 28.53 1.87 -6.44
CA ARG D 6 28.14 0.74 -5.60
C ARG D 6 28.69 -0.55 -6.17
N TYR D 7 29.22 -1.40 -5.30
CA TYR D 7 29.58 -2.76 -5.65
C TYR D 7 28.67 -3.74 -4.91
N PHE D 8 28.18 -4.74 -5.63
CA PHE D 8 27.28 -5.75 -5.09
C PHE D 8 27.92 -7.13 -5.27
N PHE D 9 27.97 -7.90 -4.19
CA PHE D 9 28.60 -9.21 -4.22
C PHE D 9 27.61 -10.25 -3.71
N THR D 10 27.46 -11.36 -4.44
CA THR D 10 26.57 -12.44 -4.03
C THR D 10 27.38 -13.74 -4.04
N SER D 11 27.35 -14.47 -2.93
CA SER D 11 27.97 -15.79 -2.84
C SER D 11 26.95 -16.82 -2.39
N VAL D 12 26.85 -17.93 -3.12
CA VAL D 12 25.87 -18.97 -2.85
C VAL D 12 26.59 -20.30 -2.74
N SER D 13 26.53 -20.94 -1.57
CA SER D 13 27.16 -22.25 -1.47
C SER D 13 26.35 -23.29 -2.24
N ARG D 14 27.04 -24.33 -2.69
CA ARG D 14 26.47 -25.40 -3.50
C ARG D 14 27.01 -26.73 -2.99
N PRO D 15 26.49 -27.22 -1.86
CA PRO D 15 27.07 -28.42 -1.24
C PRO D 15 27.07 -29.60 -2.21
N GLY D 16 28.21 -30.27 -2.30
CA GLY D 16 28.36 -31.39 -3.21
C GLY D 16 28.74 -31.01 -4.63
N ARG D 17 28.29 -29.85 -5.09
CA ARG D 17 28.45 -29.45 -6.49
C ARG D 17 29.57 -28.44 -6.68
N GLY D 18 30.56 -28.43 -5.79
CA GLY D 18 31.74 -27.61 -5.97
C GLY D 18 31.75 -26.36 -5.11
N GLU D 19 32.61 -25.42 -5.50
CA GLU D 19 32.79 -24.21 -4.74
C GLU D 19 31.57 -23.30 -4.88
N PRO D 20 31.41 -22.34 -3.98
CA PRO D 20 30.26 -21.43 -4.07
C PRO D 20 30.30 -20.62 -5.37
N ARG D 21 29.10 -20.33 -5.88
CA ARG D 21 28.96 -19.41 -7.01
C ARG D 21 29.20 -17.99 -6.50
N PHE D 22 29.95 -17.21 -7.27
CA PHE D 22 30.29 -15.85 -6.84
C PHE D 22 30.06 -14.91 -8.01
N ILE D 23 29.27 -13.86 -7.76
CA ILE D 23 28.86 -12.89 -8.76
C ILE D 23 29.08 -11.51 -8.17
N ALA D 24 29.87 -10.68 -8.85
CA ALA D 24 30.11 -9.30 -8.45
C ALA D 24 29.69 -8.38 -9.58
N VAL D 25 29.02 -7.28 -9.25
CA VAL D 25 28.70 -6.23 -10.23
C VAL D 25 29.00 -4.86 -9.63
N GLY D 26 29.33 -3.91 -10.49
CA GLY D 26 29.61 -2.55 -10.08
C GLY D 26 28.74 -1.57 -10.86
N TYR D 27 28.23 -0.56 -10.16
CA TYR D 27 27.35 0.44 -10.74
C TYR D 27 27.89 1.83 -10.45
N VAL D 28 27.75 2.72 -11.42
CA VAL D 28 27.79 4.15 -11.16
C VAL D 28 26.36 4.65 -11.39
N ASP D 29 25.78 5.26 -10.35
CA ASP D 29 24.38 5.62 -10.36
C ASP D 29 23.55 4.41 -10.77
N ASP D 30 22.78 4.54 -11.86
CA ASP D 30 21.93 3.46 -12.33
C ASP D 30 22.52 2.70 -13.51
N THR D 31 23.85 2.80 -13.74
CA THR D 31 24.48 2.23 -14.92
C THR D 31 25.52 1.21 -14.47
N GLN D 32 25.33 -0.03 -14.89
CA GLN D 32 26.29 -1.07 -14.55
C GLN D 32 27.54 -0.91 -15.39
N PHE D 33 28.73 -1.08 -14.80
CA PHE D 33 29.94 -0.95 -15.61
C PHE D 33 30.91 -2.12 -15.53
N VAL D 34 30.85 -2.98 -14.51
CA VAL D 34 31.74 -4.14 -14.44
C VAL D 34 30.99 -5.33 -13.85
N ARG D 35 31.53 -6.51 -14.15
CA ARG D 35 31.04 -7.76 -13.59
C ARG D 35 32.19 -8.76 -13.49
N PHE D 36 32.01 -9.72 -12.57
CA PHE D 36 32.80 -10.93 -12.46
C PHE D 36 31.85 -12.06 -12.14
N ASP D 37 32.00 -13.18 -12.83
CA ASP D 37 31.20 -14.37 -12.54
C ASP D 37 32.16 -15.54 -12.40
N SER D 38 32.15 -16.16 -11.23
CA SER D 38 33.07 -17.24 -10.92
C SER D 38 32.86 -18.44 -11.85
N ASP D 39 31.66 -18.60 -12.40
CA ASP D 39 31.43 -19.73 -13.29
C ASP D 39 31.76 -19.43 -14.74
N ALA D 40 32.09 -18.18 -15.08
CA ALA D 40 32.43 -17.84 -16.45
C ALA D 40 33.82 -18.38 -16.81
N ALA D 41 34.10 -18.48 -18.11
CA ALA D 41 35.37 -19.05 -18.55
C ALA D 41 36.54 -18.11 -18.37
N SER D 42 36.30 -16.80 -18.47
CA SER D 42 37.39 -15.82 -18.56
C SER D 42 38.16 -15.70 -17.25
N GLN D 43 37.47 -15.80 -16.11
CA GLN D 43 38.05 -15.55 -14.80
C GLN D 43 38.65 -14.15 -14.69
N ARG D 44 38.03 -13.17 -15.35
CA ARG D 44 38.46 -11.79 -15.23
C ARG D 44 37.27 -10.87 -14.99
N MET D 45 37.52 -9.80 -14.25
CA MET D 45 36.58 -8.69 -14.22
C MET D 45 36.39 -8.18 -15.65
N GLU D 46 35.14 -7.96 -16.03
CA GLU D 46 34.86 -7.63 -17.42
C GLU D 46 34.10 -6.32 -17.54
N PRO D 47 34.31 -5.56 -18.61
CA PRO D 47 33.57 -4.32 -18.82
C PRO D 47 32.10 -4.58 -19.14
N ARG D 48 31.22 -3.68 -18.66
CA ARG D 48 29.81 -3.74 -19.00
C ARG D 48 29.25 -2.36 -19.41
N ALA D 49 30.11 -1.38 -19.64
CA ALA D 49 29.72 -0.10 -20.16
C ALA D 49 30.79 0.34 -21.15
N PRO D 50 30.41 1.02 -22.24
CA PRO D 50 31.42 1.40 -23.24
C PRO D 50 32.49 2.35 -22.71
N TRP D 51 32.19 3.16 -21.68
CA TRP D 51 33.17 4.15 -21.23
C TRP D 51 34.25 3.55 -20.32
N ILE D 52 34.03 2.36 -19.75
CA ILE D 52 35.07 1.74 -18.93
C ILE D 52 36.07 0.97 -19.80
N GLU D 53 35.75 0.68 -21.06
CA GLU D 53 36.64 -0.11 -21.90
C GLU D 53 37.96 0.60 -22.20
N GLN D 54 38.03 1.92 -21.99
CA GLN D 54 39.27 2.65 -22.21
C GLN D 54 40.29 2.43 -21.10
N GLU D 55 39.92 1.76 -20.01
CA GLU D 55 40.89 1.43 -18.97
C GLU D 55 41.92 0.44 -19.48
N GLY D 56 43.18 0.68 -19.13
CA GLY D 56 44.27 -0.13 -19.66
C GLY D 56 44.41 -1.45 -18.95
N PRO D 57 45.37 -2.27 -19.42
CA PRO D 57 45.54 -3.61 -18.84
C PRO D 57 45.80 -3.60 -17.35
N GLU D 58 46.54 -2.61 -16.83
CA GLU D 58 46.80 -2.56 -15.39
C GLU D 58 45.50 -2.41 -14.59
N TYR D 59 44.54 -1.64 -15.11
CA TYR D 59 43.25 -1.50 -14.43
C TYR D 59 42.56 -2.86 -14.31
N TRP D 60 42.45 -3.57 -15.44
CA TRP D 60 41.75 -4.85 -15.42
C TRP D 60 42.51 -5.90 -14.59
N ASP D 61 43.85 -5.88 -14.64
CA ASP D 61 44.64 -6.77 -13.80
C ASP D 61 44.34 -6.54 -12.32
N GLY D 62 44.32 -5.28 -11.88
CA GLY D 62 44.11 -5.01 -10.47
C GLY D 62 42.70 -5.37 -10.01
N GLU D 63 41.71 -4.99 -10.82
CA GLU D 63 40.32 -5.31 -10.49
C GLU D 63 40.08 -6.81 -10.46
N THR D 64 40.72 -7.55 -11.37
CA THR D 64 40.57 -9.00 -11.33
C THR D 64 41.25 -9.59 -10.09
N ARG D 65 42.45 -9.12 -9.76
CA ARG D 65 43.08 -9.55 -8.51
C ARG D 65 42.21 -9.22 -7.30
N LYS D 66 41.66 -8.01 -7.25
CA LYS D 66 40.85 -7.66 -6.06
C LYS D 66 39.55 -8.44 -6.01
N VAL D 67 38.91 -8.67 -7.16
CA VAL D 67 37.59 -9.30 -7.06
C VAL D 67 37.74 -10.77 -6.70
N LYS D 68 38.83 -11.40 -7.11
CA LYS D 68 39.12 -12.76 -6.67
C LYS D 68 39.44 -12.81 -5.18
N ALA D 69 40.05 -11.76 -4.63
CA ALA D 69 40.26 -11.72 -3.19
C ALA D 69 38.93 -11.58 -2.45
N HIS D 70 37.99 -10.77 -2.97
CA HIS D 70 36.66 -10.68 -2.38
C HIS D 70 35.97 -12.04 -2.38
N SER D 71 36.19 -12.83 -3.43
CA SER D 71 35.54 -14.13 -3.53
C SER D 71 36.07 -15.07 -2.45
N GLN D 72 37.38 -15.04 -2.21
CA GLN D 72 37.96 -15.89 -1.16
C GLN D 72 37.42 -15.50 0.21
N THR D 73 37.30 -14.20 0.49
CA THR D 73 36.82 -13.84 1.82
C THR D 73 35.37 -14.27 1.99
N HIS D 74 34.59 -14.27 0.91
CA HIS D 74 33.23 -14.78 1.01
C HIS D 74 33.23 -16.27 1.27
N ARG D 75 34.19 -16.99 0.68
CA ARG D 75 34.27 -18.43 0.89
C ARG D 75 34.57 -18.73 2.35
N VAL D 76 35.43 -17.93 2.99
CA VAL D 76 35.64 -18.06 4.44
C VAL D 76 34.36 -17.71 5.19
N ASP D 77 33.71 -16.59 4.80
CA ASP D 77 32.51 -16.11 5.49
C ASP D 77 31.40 -17.16 5.53
N LEU D 78 31.17 -17.87 4.41
CA LEU D 78 30.14 -18.90 4.40
C LEU D 78 30.40 -19.96 5.45
N GLY D 79 31.65 -20.42 5.57
CA GLY D 79 31.97 -21.37 6.63
C GLY D 79 31.84 -20.79 8.03
N THR D 80 32.34 -19.57 8.22
CA THR D 80 32.24 -18.92 9.53
C THR D 80 30.78 -18.80 9.98
N LEU D 81 29.92 -18.39 9.04
CA LEU D 81 28.53 -18.14 9.36
C LEU D 81 27.80 -19.43 9.71
N ARG D 82 28.11 -20.52 9.01
CA ARG D 82 27.57 -21.82 9.37
C ARG D 82 27.93 -22.17 10.80
N GLY D 83 29.16 -21.88 11.21
CA GLY D 83 29.55 -22.08 12.60
C GLY D 83 28.75 -21.20 13.54
N TYR D 84 28.67 -19.90 13.24
CA TYR D 84 27.95 -18.98 14.13
C TYR D 84 26.50 -19.41 14.36
N TYR D 85 25.83 -19.88 13.30
CA TYR D 85 24.42 -20.28 13.39
C TYR D 85 24.23 -21.78 13.58
N ASN D 86 25.29 -22.54 13.85
CA ASN D 86 25.14 -23.96 14.18
C ASN D 86 24.35 -24.69 13.09
N GLN D 87 24.76 -24.52 11.84
CA GLN D 87 24.08 -25.09 10.69
C GLN D 87 24.93 -26.21 10.11
N SER D 88 24.28 -27.19 9.49
CA SER D 88 25.02 -28.28 8.88
C SER D 88 25.62 -27.84 7.54
N GLU D 89 26.39 -28.74 6.94
CA GLU D 89 26.95 -28.52 5.62
C GLU D 89 25.99 -28.88 4.50
N ALA D 90 24.76 -29.30 4.81
CA ALA D 90 23.88 -29.88 3.81
C ALA D 90 23.13 -28.84 2.97
N GLY D 91 22.87 -27.66 3.51
CA GLY D 91 22.03 -26.70 2.85
C GLY D 91 22.83 -25.68 2.06
N SER D 92 22.17 -25.06 1.10
CA SER D 92 22.77 -23.92 0.40
C SER D 92 22.48 -22.64 1.17
N HIS D 93 23.49 -21.75 1.25
CA HIS D 93 23.35 -20.47 1.94
C HIS D 93 23.91 -19.35 1.09
N THR D 94 23.48 -18.13 1.43
CA THR D 94 23.78 -16.94 0.64
C THR D 94 24.38 -15.85 1.53
N VAL D 95 25.51 -15.32 1.11
CA VAL D 95 26.13 -14.14 1.70
C VAL D 95 26.06 -13.03 0.65
N GLN D 96 25.59 -11.86 1.05
CA GLN D 96 25.57 -10.70 0.17
C GLN D 96 26.33 -9.57 0.85
N ARG D 97 27.06 -8.80 0.05
CA ARG D 97 27.80 -7.66 0.53
C ARG D 97 27.57 -6.53 -0.45
N MET D 98 27.50 -5.32 0.08
CA MET D 98 27.37 -4.11 -0.73
C MET D 98 28.24 -3.04 -0.09
N TYR D 99 28.97 -2.30 -0.92
CA TYR D 99 29.60 -1.10 -0.39
C TYR D 99 29.73 -0.07 -1.49
N GLY D 100 30.06 1.15 -1.08
CA GLY D 100 30.15 2.25 -2.02
C GLY D 100 29.93 3.58 -1.33
N CYS D 101 29.82 4.61 -2.16
CA CYS D 101 29.85 5.97 -1.65
C CYS D 101 28.94 6.85 -2.50
N ASP D 102 28.35 7.85 -1.84
CA ASP D 102 27.58 8.92 -2.47
C ASP D 102 28.37 10.21 -2.41
N VAL D 103 28.28 11.02 -3.47
CA VAL D 103 28.83 12.36 -3.47
C VAL D 103 27.71 13.32 -3.86
N GLY D 104 27.85 14.57 -3.41
CA GLY D 104 26.85 15.59 -3.64
C GLY D 104 27.00 16.23 -5.00
N SER D 105 26.21 17.28 -5.21
CA SER D 105 26.23 18.00 -6.49
C SER D 105 27.59 18.62 -6.78
N ASP D 106 28.41 18.83 -5.75
CA ASP D 106 29.77 19.33 -5.94
C ASP D 106 30.79 18.20 -6.03
N TRP D 107 30.32 16.97 -6.20
CA TRP D 107 31.15 15.76 -6.27
C TRP D 107 32.02 15.56 -5.03
N ARG D 108 31.66 16.15 -3.90
CA ARG D 108 32.42 15.91 -2.68
C ARG D 108 31.70 14.86 -1.82
N PHE D 109 32.47 14.19 -0.95
CA PHE D 109 31.96 13.03 -0.23
C PHE D 109 30.76 13.39 0.63
N LEU D 110 29.72 12.58 0.54
CA LEU D 110 28.46 12.81 1.21
C LEU D 110 28.03 11.67 2.12
N ARG D 111 28.27 10.43 1.74
CA ARG D 111 27.75 9.30 2.48
C ARG D 111 28.44 8.04 1.99
N GLY D 112 28.61 7.07 2.89
CA GLY D 112 29.25 5.81 2.55
C GLY D 112 28.57 4.62 3.22
N TYR D 113 28.73 3.45 2.58
CA TYR D 113 28.06 2.22 3.00
C TYR D 113 29.00 1.02 2.99
N HIS D 114 28.78 0.09 3.92
CA HIS D 114 29.45 -1.21 3.92
C HIS D 114 28.61 -2.15 4.78
N GLN D 115 27.86 -3.06 4.12
CA GLN D 115 26.79 -3.84 4.73
C GLN D 115 26.86 -5.28 4.24
N TYR D 116 26.41 -6.22 5.09
CA TYR D 116 26.32 -7.64 4.75
C TYR D 116 24.94 -8.19 5.06
N ALA D 117 24.51 -9.20 4.30
CA ALA D 117 23.34 -9.99 4.65
C ALA D 117 23.68 -11.47 4.61
N TYR D 118 22.94 -12.26 5.39
CA TYR D 118 23.03 -13.72 5.37
C TYR D 118 21.64 -14.31 5.15
N ASP D 119 21.49 -15.18 4.15
CA ASP D 119 20.21 -15.82 3.81
C ASP D 119 19.04 -14.84 3.76
N GLY D 120 19.29 -13.67 3.19
CA GLY D 120 18.23 -12.74 2.90
C GLY D 120 17.85 -11.79 4.01
N LYS D 121 18.60 -11.71 5.11
CA LYS D 121 18.29 -10.78 6.18
C LYS D 121 19.58 -10.07 6.59
N ASP D 122 19.44 -8.89 7.20
CA ASP D 122 20.59 -8.14 7.67
C ASP D 122 21.49 -8.99 8.55
N TYR D 123 22.81 -8.82 8.37
CA TYR D 123 23.81 -9.35 9.28
C TYR D 123 24.54 -8.24 10.00
N ILE D 124 25.28 -7.38 9.30
CA ILE D 124 26.01 -6.29 9.95
C ILE D 124 26.16 -5.15 8.95
N ALA D 125 26.17 -3.93 9.46
CA ALA D 125 26.20 -2.76 8.60
C ALA D 125 27.02 -1.66 9.26
N LEU D 126 27.86 -1.02 8.46
CA LEU D 126 28.53 0.19 8.89
C LEU D 126 27.50 1.30 9.11
N LYS D 127 27.53 1.92 10.30
CA LYS D 127 26.60 3.00 10.57
C LYS D 127 27.03 4.26 9.81
N GLU D 128 26.13 5.25 9.82
CA GLU D 128 26.31 6.44 8.99
C GLU D 128 27.55 7.23 9.40
N ASP D 129 27.90 7.26 10.69
CA ASP D 129 29.10 7.97 11.12
C ASP D 129 30.40 7.28 10.69
N LEU D 130 30.31 6.07 10.14
CA LEU D 130 31.45 5.30 9.63
C LEU D 130 32.47 4.99 10.73
N ARG D 131 32.04 4.94 11.98
CA ARG D 131 32.90 4.60 13.10
C ARG D 131 32.35 3.47 13.97
N SER D 132 31.20 2.90 13.63
CA SER D 132 30.59 1.86 14.44
C SER D 132 29.67 1.04 13.56
N TRP D 133 29.16 -0.06 14.14
CA TRP D 133 28.43 -1.06 13.38
C TRP D 133 27.07 -1.33 14.01
N THR D 134 26.10 -1.64 13.15
CA THR D 134 24.81 -2.17 13.58
C THR D 134 24.86 -3.68 13.36
N ALA D 135 24.91 -4.44 14.44
CA ALA D 135 24.79 -5.90 14.35
C ALA D 135 23.32 -6.27 14.44
N ALA D 136 22.83 -7.04 13.47
CA ALA D 136 21.39 -7.29 13.41
C ALA D 136 20.93 -8.29 14.47
N ASP D 137 21.81 -9.18 14.92
CA ASP D 137 21.41 -10.21 15.88
C ASP D 137 22.59 -10.59 16.77
N MET D 138 22.36 -11.58 17.63
CA MET D 138 23.38 -12.00 18.59
C MET D 138 24.65 -12.51 17.89
N ALA D 139 24.48 -13.39 16.90
CA ALA D 139 25.65 -13.93 16.20
C ALA D 139 26.51 -12.82 15.60
N ALA D 140 25.89 -11.77 15.07
CA ALA D 140 26.64 -10.68 14.47
C ALA D 140 27.35 -9.82 15.50
N GLN D 141 26.99 -9.93 16.79
CA GLN D 141 27.77 -9.24 17.82
C GLN D 141 29.21 -9.73 17.86
N THR D 142 29.43 -11.01 17.54
CA THR D 142 30.79 -11.53 17.50
C THR D 142 31.62 -10.80 16.46
N THR D 143 31.07 -10.64 15.26
CA THR D 143 31.73 -9.87 14.21
C THR D 143 31.98 -8.43 14.65
N LYS D 144 30.97 -7.78 15.23
CA LYS D 144 31.10 -6.39 15.65
C LYS D 144 32.24 -6.20 16.64
N HIS D 145 32.29 -7.04 17.67
CA HIS D 145 33.36 -6.94 18.65
C HIS D 145 34.72 -7.15 17.99
N LYS D 146 34.81 -8.16 17.11
CA LYS D 146 36.05 -8.40 16.39
C LYS D 146 36.50 -7.15 15.63
N TRP D 147 35.59 -6.57 14.83
CA TRP D 147 35.96 -5.43 14.01
C TRP D 147 36.24 -4.18 14.83
N GLU D 148 35.58 -4.03 15.98
CA GLU D 148 35.90 -2.92 16.86
C GLU D 148 37.30 -3.06 17.43
N ALA D 149 37.69 -4.27 17.83
CA ALA D 149 39.02 -4.46 18.38
C ALA D 149 40.11 -4.22 17.36
N ALA D 150 39.82 -4.49 16.07
CA ALA D 150 40.80 -4.36 15.01
C ALA D 150 40.74 -3.02 14.29
N HIS D 151 39.85 -2.12 14.72
CA HIS D 151 39.71 -0.80 14.10
C HIS D 151 39.46 -0.92 12.60
N VAL D 152 38.62 -1.88 12.22
CA VAL D 152 38.31 -2.10 10.80
C VAL D 152 37.70 -0.87 10.18
N ALA D 153 36.88 -0.14 10.93
CA ALA D 153 36.20 1.02 10.37
C ALA D 153 37.19 2.09 9.92
N GLU D 154 38.38 2.14 10.51
CA GLU D 154 39.39 3.11 10.10
C GLU D 154 39.77 2.93 8.63
N GLN D 155 40.22 1.73 8.26
CA GLN D 155 40.56 1.49 6.86
C GLN D 155 39.37 1.70 5.94
N LEU D 156 38.19 1.18 6.33
CA LEU D 156 37.02 1.33 5.47
C LEU D 156 36.70 2.79 5.19
N ARG D 157 36.78 3.63 6.24
CA ARG D 157 36.55 5.06 6.07
C ARG D 157 37.47 5.63 5.02
N ALA D 158 38.76 5.26 5.08
CA ALA D 158 39.75 5.77 4.15
C ALA D 158 39.39 5.41 2.71
N TYR D 159 38.98 4.16 2.49
CA TYR D 159 38.57 3.75 1.15
C TYR D 159 37.32 4.52 0.70
N LEU D 160 36.30 4.57 1.56
CA LEU D 160 35.03 5.18 1.16
C LEU D 160 35.18 6.68 0.93
N GLU D 161 35.90 7.37 1.82
CA GLU D 161 36.12 8.80 1.66
C GLU D 161 37.27 9.12 0.71
N GLY D 162 38.05 8.13 0.28
CA GLY D 162 39.20 8.36 -0.59
C GLY D 162 39.08 7.71 -1.95
N THR D 163 39.60 6.47 -2.10
CA THR D 163 39.57 5.77 -3.38
C THR D 163 38.18 5.78 -4.01
N CYS D 164 37.15 5.49 -3.21
CA CYS D 164 35.79 5.40 -3.75
C CYS D 164 35.37 6.69 -4.41
N VAL D 165 35.54 7.82 -3.70
CA VAL D 165 35.16 9.12 -4.23
C VAL D 165 36.03 9.51 -5.42
N GLU D 166 37.35 9.29 -5.32
CA GLU D 166 38.24 9.66 -6.42
C GLU D 166 37.86 8.92 -7.71
N TRP D 167 37.63 7.61 -7.61
CA TRP D 167 37.36 6.84 -8.81
C TRP D 167 35.94 7.03 -9.32
N LEU D 168 34.98 7.30 -8.43
CA LEU D 168 33.66 7.72 -8.90
C LEU D 168 33.77 8.97 -9.77
N ARG D 169 34.52 9.97 -9.30
CA ARG D 169 34.71 11.17 -10.12
C ARG D 169 35.40 10.83 -11.44
N ARG D 170 36.39 9.95 -11.41
CA ARG D 170 37.06 9.56 -12.64
C ARG D 170 36.09 8.91 -13.62
N TYR D 171 35.17 8.08 -13.11
CA TYR D 171 34.20 7.45 -14.00
C TYR D 171 33.21 8.46 -14.56
N LEU D 172 32.74 9.40 -13.71
CA LEU D 172 31.82 10.41 -14.19
C LEU D 172 32.43 11.25 -15.31
N GLU D 173 33.73 11.51 -15.24
CA GLU D 173 34.39 12.29 -16.28
C GLU D 173 34.58 11.47 -17.55
N ASN D 174 35.13 10.26 -17.42
CA ASN D 174 35.29 9.39 -18.59
C ASN D 174 33.93 8.98 -19.19
N GLY D 175 32.91 8.79 -18.38
CA GLY D 175 31.61 8.46 -18.92
C GLY D 175 30.68 9.65 -19.03
N LYS D 176 31.25 10.84 -19.28
CA LYS D 176 30.47 12.08 -19.25
C LYS D 176 29.24 12.01 -20.16
N GLU D 177 29.40 11.51 -21.39
CA GLU D 177 28.30 11.54 -22.35
C GLU D 177 27.16 10.63 -21.95
N THR D 178 27.46 9.56 -21.21
CA THR D 178 26.52 8.59 -20.67
C THR D 178 26.03 8.98 -19.28
N LEU D 179 26.97 9.18 -18.36
CA LEU D 179 26.65 9.24 -16.94
C LEU D 179 26.11 10.60 -16.50
N GLN D 180 26.53 11.68 -17.15
CA GLN D 180 26.07 13.00 -16.74
C GLN D 180 24.87 13.47 -17.54
N ARG D 181 24.34 12.63 -18.43
CA ARG D 181 23.15 12.94 -19.19
C ARG D 181 21.90 12.76 -18.32
N THR D 182 20.84 13.49 -18.68
CA THR D 182 19.51 13.17 -18.19
C THR D 182 18.61 13.06 -19.41
N ASP D 183 17.81 12.00 -19.45
CA ASP D 183 16.83 11.78 -20.50
C ASP D 183 15.45 11.93 -19.85
N ALA D 184 14.72 12.96 -20.25
CA ALA D 184 13.40 13.19 -19.70
C ALA D 184 12.46 12.08 -20.15
N PRO D 185 11.47 11.73 -19.33
CA PRO D 185 10.51 10.71 -19.76
C PRO D 185 9.70 11.17 -20.97
N LYS D 186 9.48 10.25 -21.89
CA LYS D 186 8.45 10.41 -22.91
C LYS D 186 7.18 9.81 -22.32
N THR D 187 6.09 10.58 -22.31
CA THR D 187 4.89 10.20 -21.58
C THR D 187 3.70 10.10 -22.53
N HIS D 188 2.77 9.22 -22.19
CA HIS D 188 1.46 9.23 -22.83
C HIS D 188 0.47 8.57 -21.86
N MET D 189 -0.80 8.61 -22.22
CA MET D 189 -1.86 8.05 -21.40
C MET D 189 -2.68 7.09 -22.26
N THR D 190 -3.06 5.94 -21.69
CA THR D 190 -3.98 5.02 -22.36
C THR D 190 -5.29 4.95 -21.58
N HIS D 191 -6.36 4.55 -22.28
CA HIS D 191 -7.70 4.53 -21.72
C HIS D 191 -8.38 3.24 -22.16
N HIS D 192 -8.91 2.50 -21.20
CA HIS D 192 -9.59 1.24 -21.48
C HIS D 192 -10.89 1.18 -20.69
N ALA D 193 -11.99 0.97 -21.41
CA ALA D 193 -13.22 0.51 -20.78
C ALA D 193 -12.95 -0.79 -20.03
N VAL D 194 -13.30 -0.81 -18.75
CA VAL D 194 -13.20 -2.00 -17.92
C VAL D 194 -14.51 -2.15 -17.18
N SER D 195 -14.79 -3.38 -16.74
CA SER D 195 -16.06 -3.69 -16.09
C SER D 195 -17.21 -3.11 -16.90
N ASP D 196 -18.24 -2.62 -16.21
CA ASP D 196 -19.30 -1.86 -16.84
C ASP D 196 -19.25 -0.43 -16.32
N HIS D 197 -19.17 0.53 -17.24
CA HIS D 197 -19.16 1.95 -16.91
C HIS D 197 -18.08 2.27 -15.87
N GLU D 198 -16.90 1.67 -16.05
CA GLU D 198 -15.68 2.05 -15.37
C GLU D 198 -14.56 2.05 -16.39
N ALA D 199 -13.54 2.88 -16.18
CA ALA D 199 -12.44 2.98 -17.11
C ALA D 199 -11.11 2.93 -16.38
N THR D 200 -10.12 2.33 -17.01
CA THR D 200 -8.75 2.37 -16.52
C THR D 200 -7.98 3.41 -17.31
N LEU D 201 -7.39 4.37 -16.60
CA LEU D 201 -6.47 5.34 -17.17
C LEU D 201 -5.07 4.97 -16.74
N ARG D 202 -4.14 4.86 -17.70
CA ARG D 202 -2.77 4.44 -17.39
C ARG D 202 -1.82 5.51 -17.90
N CYS D 203 -1.02 6.04 -16.99
CA CYS D 203 -0.10 7.13 -17.27
C CYS D 203 1.29 6.52 -17.43
N TRP D 204 1.92 6.74 -18.59
CA TRP D 204 3.16 6.04 -18.96
C TRP D 204 4.35 6.99 -18.96
N ALA D 205 5.51 6.50 -18.50
CA ALA D 205 6.77 7.21 -18.63
C ALA D 205 7.80 6.28 -19.24
N LEU D 206 8.40 6.67 -20.35
CA LEU D 206 9.30 5.79 -21.08
C LEU D 206 10.62 6.49 -21.37
N SER D 207 11.68 5.68 -21.51
CA SER D 207 13.00 6.10 -21.97
C SER D 207 13.60 7.20 -21.12
N PHE D 208 13.47 7.10 -19.80
CA PHE D 208 14.03 8.16 -18.97
C PHE D 208 15.28 7.67 -18.27
N TYR D 209 16.14 8.63 -17.89
CA TYR D 209 17.39 8.35 -17.14
C TYR D 209 17.74 9.59 -16.33
N PRO D 210 18.07 9.46 -15.03
CA PRO D 210 18.21 8.21 -14.25
C PRO D 210 16.88 7.61 -13.84
N ALA D 211 16.89 6.54 -13.05
CA ALA D 211 15.68 5.76 -12.77
C ALA D 211 14.73 6.44 -11.78
N GLU D 212 15.21 7.38 -10.98
CA GLU D 212 14.36 8.04 -10.00
C GLU D 212 13.26 8.85 -10.68
N ILE D 213 12.00 8.60 -10.31
CA ILE D 213 10.87 9.27 -10.92
C ILE D 213 9.69 9.17 -9.97
N THR D 214 8.75 10.11 -10.10
CA THR D 214 7.51 10.11 -9.33
C THR D 214 6.33 10.23 -10.27
N LEU D 215 5.43 9.25 -10.23
CA LEU D 215 4.16 9.29 -10.96
C LEU D 215 3.04 9.30 -9.93
N THR D 216 2.19 10.34 -9.97
CA THR D 216 1.11 10.43 -9.00
C THR D 216 -0.20 10.81 -9.70
N TRP D 217 -1.28 10.19 -9.26
CA TRP D 217 -2.62 10.59 -9.72
C TRP D 217 -3.25 11.59 -8.76
N GLN D 218 -3.93 12.58 -9.33
CA GLN D 218 -4.80 13.46 -8.58
C GLN D 218 -6.21 13.44 -9.17
N ARG D 219 -7.18 13.62 -8.29
CA ARG D 219 -8.56 13.84 -8.66
C ARG D 219 -8.99 15.19 -8.08
N ASP D 220 -9.49 16.07 -8.94
CA ASP D 220 -9.81 17.46 -8.57
C ASP D 220 -8.59 18.18 -7.98
N GLY D 221 -7.37 17.75 -8.33
CA GLY D 221 -6.17 18.37 -7.80
C GLY D 221 -5.76 17.94 -6.41
N GLU D 222 -6.19 16.77 -5.95
CA GLU D 222 -5.80 16.24 -4.64
C GLU D 222 -5.29 14.82 -4.85
N ASP D 223 -4.19 14.48 -4.17
CA ASP D 223 -3.54 13.20 -4.39
C ASP D 223 -4.53 12.05 -4.16
N GLN D 224 -4.43 11.03 -5.00
CA GLN D 224 -5.38 9.92 -4.97
C GLN D 224 -4.60 8.61 -4.92
N THR D 225 -4.92 7.76 -3.94
CA THR D 225 -4.31 6.45 -3.83
C THR D 225 -5.31 5.30 -3.99
N GLN D 226 -6.54 5.46 -3.49
CA GLN D 226 -7.57 4.46 -3.70
C GLN D 226 -7.71 4.17 -5.19
N ASP D 227 -7.91 2.89 -5.51
CA ASP D 227 -8.16 2.44 -6.89
C ASP D 227 -7.02 2.80 -7.83
N THR D 228 -5.78 2.84 -7.34
CA THR D 228 -4.64 3.07 -8.21
C THR D 228 -3.69 1.88 -8.14
N GLU D 229 -2.83 1.79 -9.15
CA GLU D 229 -1.80 0.77 -9.20
C GLU D 229 -0.55 1.39 -9.79
N LEU D 230 0.59 1.05 -9.21
CA LEU D 230 1.87 1.60 -9.63
C LEU D 230 2.86 0.45 -9.72
N VAL D 231 3.55 0.30 -10.86
CA VAL D 231 4.49 -0.80 -11.01
C VAL D 231 5.88 -0.32 -10.62
N GLU D 232 6.71 -1.27 -10.22
CA GLU D 232 8.11 -0.95 -9.97
C GLU D 232 8.74 -0.40 -11.23
N THR D 233 9.62 0.58 -11.06
CA THR D 233 10.42 1.06 -12.18
C THR D 233 11.25 -0.09 -12.74
N ARG D 234 11.29 -0.19 -14.08
CA ARG D 234 11.85 -1.34 -14.76
C ARG D 234 12.82 -0.91 -15.86
N PRO D 235 13.87 -1.70 -16.10
CA PRO D 235 14.86 -1.32 -17.15
C PRO D 235 14.32 -1.61 -18.55
N ALA D 236 14.48 -0.65 -19.47
CA ALA D 236 14.11 -0.92 -20.86
C ALA D 236 15.07 -1.93 -21.51
N GLY D 237 16.32 -1.99 -21.06
CA GLY D 237 17.34 -2.83 -21.66
C GLY D 237 18.38 -2.08 -22.47
N ASP D 238 18.20 -0.78 -22.67
CA ASP D 238 19.12 0.04 -23.44
C ASP D 238 19.77 1.13 -22.58
N GLY D 239 19.71 1.00 -21.27
CA GLY D 239 20.21 2.01 -20.37
C GLY D 239 19.17 2.97 -19.82
N THR D 240 17.92 2.88 -20.27
CA THR D 240 16.85 3.76 -19.79
C THR D 240 15.81 2.93 -19.03
N PHE D 241 14.84 3.63 -18.43
CA PHE D 241 13.87 3.00 -17.54
C PHE D 241 12.46 3.38 -17.97
N GLN D 242 11.49 2.63 -17.42
CA GLN D 242 10.07 2.72 -17.75
C GLN D 242 9.26 2.62 -16.46
N LYS D 243 8.09 3.24 -16.46
CA LYS D 243 7.20 3.13 -15.32
C LYS D 243 5.84 3.57 -15.77
N TRP D 244 4.80 3.01 -15.14
CA TRP D 244 3.46 3.48 -15.37
C TRP D 244 2.69 3.47 -14.06
N ALA D 245 1.64 4.31 -14.01
CA ALA D 245 0.68 4.34 -12.92
C ALA D 245 -0.73 4.36 -13.51
N ALA D 246 -1.64 3.63 -12.88
CA ALA D 246 -3.02 3.58 -13.37
C ALA D 246 -4.01 3.86 -12.26
N VAL D 247 -5.19 4.30 -12.67
CA VAL D 247 -6.32 4.54 -11.76
C VAL D 247 -7.58 4.05 -12.45
N VAL D 248 -8.46 3.42 -11.69
CA VAL D 248 -9.75 2.96 -12.20
C VAL D 248 -10.79 4.01 -11.81
N VAL D 249 -11.54 4.52 -12.79
CA VAL D 249 -12.35 5.72 -12.59
C VAL D 249 -13.78 5.45 -13.07
N PRO D 250 -14.80 6.07 -12.47
CA PRO D 250 -16.16 5.88 -12.98
C PRO D 250 -16.31 6.47 -14.39
N SER D 251 -17.07 5.77 -15.21
CA SER D 251 -17.33 6.23 -16.58
C SER D 251 -17.94 7.63 -16.57
N GLY D 252 -17.41 8.50 -17.41
CA GLY D 252 -17.83 9.88 -17.46
C GLY D 252 -17.10 10.83 -16.52
N GLN D 253 -16.17 10.33 -15.71
CA GLN D 253 -15.45 11.18 -14.77
C GLN D 253 -13.96 11.30 -15.08
N GLU D 254 -13.55 10.85 -16.28
CA GLU D 254 -12.12 10.91 -16.67
C GLU D 254 -11.53 12.30 -16.51
N GLN D 255 -12.29 13.35 -16.85
CA GLN D 255 -11.77 14.72 -16.82
C GLN D 255 -11.39 15.19 -15.43
N ARG D 256 -11.82 14.51 -14.37
CA ARG D 256 -11.42 14.92 -13.02
C ARG D 256 -9.97 14.53 -12.69
N TYR D 257 -9.37 13.60 -13.43
CA TYR D 257 -8.12 12.98 -13.03
C TYR D 257 -6.94 13.53 -13.83
N THR D 258 -5.82 13.73 -13.15
CA THR D 258 -4.57 14.16 -13.78
C THR D 258 -3.42 13.35 -13.22
N CYS D 259 -2.47 13.05 -14.10
CA CYS D 259 -1.26 12.33 -13.74
C CYS D 259 -0.09 13.33 -13.73
N HIS D 260 0.67 13.30 -12.65
CA HIS D 260 1.74 14.26 -12.43
C HIS D 260 3.08 13.53 -12.45
N VAL D 261 4.02 14.03 -13.24
CA VAL D 261 5.28 13.35 -13.52
C VAL D 261 6.40 14.25 -13.05
N GLN D 262 7.27 13.70 -12.21
CA GLN D 262 8.44 14.42 -11.71
C GLN D 262 9.69 13.63 -12.04
N HIS D 263 10.67 14.31 -12.65
CA HIS D 263 11.91 13.68 -13.05
C HIS D 263 12.96 14.77 -13.22
N GLU D 264 14.22 14.39 -12.91
CA GLU D 264 15.33 15.34 -12.96
C GLU D 264 15.47 15.98 -14.34
N GLY D 265 15.17 15.23 -15.40
CA GLY D 265 15.28 15.75 -16.76
C GLY D 265 14.18 16.70 -17.16
N LEU D 266 13.15 16.86 -16.34
CA LEU D 266 12.04 17.74 -16.68
C LEU D 266 12.30 19.13 -16.10
N PRO D 267 12.30 20.18 -16.93
CA PRO D 267 12.41 21.54 -16.37
C PRO D 267 11.29 21.86 -15.39
N LYS D 268 10.09 21.36 -15.64
CA LYS D 268 8.95 21.57 -14.76
C LYS D 268 8.17 20.28 -14.67
N PRO D 269 7.54 20.00 -13.53
CA PRO D 269 6.65 18.84 -13.45
C PRO D 269 5.61 18.88 -14.58
N LEU D 270 5.29 17.70 -15.11
CA LEU D 270 4.27 17.56 -16.13
C LEU D 270 2.92 17.19 -15.52
N THR D 271 1.85 17.75 -16.09
CA THR D 271 0.48 17.35 -15.78
C THR D 271 -0.16 16.78 -17.03
N LEU D 272 -0.54 15.50 -16.98
CA LEU D 272 -1.22 14.85 -18.09
C LEU D 272 -2.69 14.59 -17.75
N ARG D 273 -3.56 14.69 -18.76
CA ARG D 273 -4.98 14.47 -18.57
C ARG D 273 -5.52 13.75 -19.79
N TRP D 274 -6.59 12.99 -19.60
CA TRP D 274 -7.19 12.28 -20.71
C TRP D 274 -8.03 13.21 -21.57
N GLU D 275 -8.82 14.08 -20.94
CA GLU D 275 -9.71 14.99 -21.63
C GLU D 275 -10.12 16.09 -20.66
N MET E 1 16.60 -17.52 6.98
CA MET E 1 16.27 -17.67 5.58
C MET E 1 14.94 -17.00 5.25
N ILE E 2 15.01 -15.84 4.64
CA ILE E 2 13.82 -15.09 4.24
C ILE E 2 13.56 -15.41 2.79
N GLN E 3 12.40 -15.98 2.49
CA GLN E 3 12.04 -16.26 1.12
C GLN E 3 11.07 -15.20 0.63
N ARG E 4 11.26 -14.77 -0.61
CA ARG E 4 10.43 -13.72 -1.20
C ARG E 4 10.14 -14.11 -2.64
N THR E 5 8.86 -14.04 -3.01
CA THR E 5 8.47 -14.50 -4.32
C THR E 5 8.69 -13.38 -5.34
N PRO E 6 9.01 -13.72 -6.59
CA PRO E 6 9.36 -12.68 -7.57
C PRO E 6 8.16 -11.93 -8.10
N LYS E 7 8.36 -10.63 -8.34
CA LYS E 7 7.45 -9.85 -9.17
C LYS E 7 7.90 -9.99 -10.62
N ILE E 8 6.94 -10.03 -11.53
CA ILE E 8 7.20 -10.33 -12.94
C ILE E 8 6.55 -9.26 -13.80
N GLN E 9 7.32 -8.65 -14.69
CA GLN E 9 6.76 -7.75 -15.70
C GLN E 9 7.27 -8.18 -17.06
N VAL E 10 6.35 -8.21 -18.04
CA VAL E 10 6.66 -8.60 -19.40
C VAL E 10 6.29 -7.43 -20.30
N TYR E 11 7.24 -6.99 -21.12
CA TYR E 11 7.07 -5.75 -21.87
C TYR E 11 8.10 -5.71 -22.97
N SER E 12 7.92 -4.78 -23.90
CA SER E 12 8.94 -4.62 -24.93
C SER E 12 9.83 -3.44 -24.58
N ARG E 13 11.05 -3.49 -25.13
CA ARG E 13 12.01 -2.39 -24.94
C ARG E 13 11.47 -1.08 -25.49
N HIS E 14 10.93 -1.10 -26.71
CA HIS E 14 10.37 0.06 -27.38
C HIS E 14 8.88 -0.19 -27.63
N PRO E 15 8.10 0.87 -27.89
CA PRO E 15 6.68 0.64 -28.21
C PRO E 15 6.55 -0.32 -29.39
N ALA E 16 5.68 -1.31 -29.23
CA ALA E 16 5.58 -2.37 -30.23
C ALA E 16 4.99 -1.83 -31.53
N GLU E 17 5.60 -2.16 -32.64
CA GLU E 17 5.11 -1.79 -33.95
C GLU E 17 5.34 -2.97 -34.89
N ASN E 18 4.28 -3.41 -35.57
CA ASN E 18 4.36 -4.66 -36.31
C ASN E 18 5.36 -4.55 -37.45
N GLY E 19 6.23 -5.57 -37.57
CA GLY E 19 7.26 -5.59 -38.57
C GLY E 19 8.54 -4.87 -38.18
N LYS E 20 8.54 -4.18 -37.04
CA LYS E 20 9.70 -3.42 -36.59
C LYS E 20 10.41 -4.18 -35.48
N SER E 21 11.71 -4.38 -35.64
CA SER E 21 12.47 -5.19 -34.70
C SER E 21 12.57 -4.50 -33.34
N ASN E 22 12.60 -5.33 -32.30
CA ASN E 22 12.38 -4.90 -30.92
C ASN E 22 13.02 -5.94 -30.00
N PHE E 23 12.87 -5.72 -28.69
CA PHE E 23 13.28 -6.68 -27.67
C PHE E 23 12.11 -6.95 -26.72
N LEU E 24 11.86 -8.23 -26.48
CA LEU E 24 10.90 -8.68 -25.47
C LEU E 24 11.62 -8.93 -24.16
N ASN E 25 11.11 -8.32 -23.09
CA ASN E 25 11.73 -8.32 -21.76
C ASN E 25 10.84 -9.06 -20.78
N CYS E 26 11.46 -9.87 -19.92
CA CYS E 26 10.82 -10.41 -18.73
C CYS E 26 11.67 -10.01 -17.52
N TYR E 27 11.14 -9.09 -16.72
CA TYR E 27 11.88 -8.52 -15.60
C TYR E 27 11.35 -9.15 -14.32
N VAL E 28 12.22 -9.86 -13.61
CA VAL E 28 11.90 -10.52 -12.35
C VAL E 28 12.65 -9.81 -11.23
N SER E 29 11.96 -9.49 -10.15
CA SER E 29 12.59 -8.72 -9.08
C SER E 29 11.96 -9.07 -7.74
N GLY E 30 12.64 -8.67 -6.67
CA GLY E 30 12.10 -8.85 -5.32
C GLY E 30 12.16 -10.26 -4.78
N PHE E 31 13.01 -11.13 -5.34
CA PHE E 31 12.95 -12.54 -4.97
C PHE E 31 14.16 -12.93 -4.15
N HIS E 32 14.00 -14.01 -3.39
CA HIS E 32 15.06 -14.57 -2.56
C HIS E 32 14.68 -15.99 -2.23
N PRO E 33 15.59 -16.98 -2.36
CA PRO E 33 16.98 -16.85 -2.83
C PRO E 33 17.10 -16.60 -4.33
N SER E 34 18.36 -16.59 -4.82
CA SER E 34 18.66 -16.14 -6.17
C SER E 34 18.35 -17.18 -7.25
N ASP E 35 18.31 -18.48 -6.93
CA ASP E 35 18.03 -19.48 -7.95
C ASP E 35 16.62 -19.28 -8.50
N ILE E 36 16.50 -19.13 -9.82
CA ILE E 36 15.23 -18.86 -10.46
C ILE E 36 15.30 -19.35 -11.91
N GLU E 37 14.16 -19.76 -12.45
CA GLU E 37 14.10 -20.29 -13.82
C GLU E 37 13.10 -19.46 -14.60
N VAL E 38 13.59 -18.80 -15.67
CA VAL E 38 12.79 -17.89 -16.48
C VAL E 38 12.86 -18.36 -17.94
N ASP E 39 11.71 -18.64 -18.53
CA ASP E 39 11.58 -18.98 -19.93
C ASP E 39 10.70 -17.96 -20.64
N LEU E 40 11.08 -17.59 -21.86
CA LEU E 40 10.22 -16.79 -22.73
C LEU E 40 9.57 -17.72 -23.75
N LEU E 41 8.28 -17.54 -23.96
CA LEU E 41 7.49 -18.41 -24.82
C LEU E 41 6.89 -17.62 -25.97
N LYS E 42 6.97 -18.21 -27.17
CA LYS E 42 6.31 -17.68 -28.35
C LYS E 42 5.25 -18.68 -28.77
N ASN E 43 3.98 -18.27 -28.70
CA ASN E 43 2.85 -19.16 -29.01
C ASN E 43 2.95 -20.47 -28.22
N GLY E 44 3.33 -20.36 -26.95
CA GLY E 44 3.42 -21.54 -26.11
C GLY E 44 4.68 -22.36 -26.25
N GLU E 45 5.65 -21.91 -27.04
CA GLU E 45 6.85 -22.68 -27.33
C GLU E 45 8.08 -21.93 -26.86
N ARG E 46 9.05 -22.69 -26.36
CA ARG E 46 10.21 -22.07 -25.73
C ARG E 46 11.05 -21.33 -26.76
N ILE E 47 11.40 -20.08 -26.43
CA ILE E 47 12.33 -19.29 -27.24
C ILE E 47 13.76 -19.66 -26.84
N GLU E 48 14.58 -20.05 -27.82
CA GLU E 48 15.88 -20.64 -27.50
C GLU E 48 16.96 -19.61 -27.19
N LYS E 49 16.98 -18.44 -27.83
CA LYS E 49 18.09 -17.49 -27.65
C LYS E 49 17.62 -16.36 -26.75
N VAL E 50 17.83 -16.55 -25.45
CA VAL E 50 17.42 -15.58 -24.46
C VAL E 50 18.64 -15.22 -23.62
N GLU E 51 18.88 -13.93 -23.48
CA GLU E 51 19.97 -13.44 -22.65
C GLU E 51 19.41 -12.89 -21.35
N HIS E 52 20.29 -12.70 -20.37
CA HIS E 52 19.86 -12.08 -19.12
C HIS E 52 20.99 -11.22 -18.55
N SER E 53 20.58 -10.30 -17.68
CA SER E 53 21.54 -9.40 -17.05
C SER E 53 22.28 -10.14 -15.94
N ASP E 54 23.32 -9.48 -15.43
CA ASP E 54 24.11 -9.99 -14.31
C ASP E 54 23.34 -9.83 -13.01
N LEU E 55 23.40 -10.86 -12.16
CA LEU E 55 22.64 -10.88 -10.90
C LEU E 55 23.03 -9.69 -10.03
N SER E 56 22.03 -8.90 -9.65
CA SER E 56 22.24 -7.81 -8.72
C SER E 56 21.10 -7.84 -7.71
N PHE E 57 21.13 -6.91 -6.75
CA PHE E 57 20.10 -6.90 -5.73
C PHE E 57 19.82 -5.48 -5.24
N SER E 58 18.66 -5.33 -4.60
CA SER E 58 18.15 -4.05 -4.14
C SER E 58 18.57 -3.77 -2.69
N LYS E 59 18.17 -2.60 -2.21
CA LYS E 59 18.51 -2.20 -0.84
C LYS E 59 18.03 -3.23 0.19
N ASP E 60 16.85 -3.82 -0.03
CA ASP E 60 16.31 -4.85 0.87
C ASP E 60 16.91 -6.24 0.65
N TRP E 61 18.01 -6.35 -0.12
CA TRP E 61 18.75 -7.57 -0.40
C TRP E 61 18.05 -8.46 -1.43
N SER E 62 16.86 -8.10 -1.91
CA SER E 62 16.18 -8.96 -2.85
C SER E 62 16.78 -8.79 -4.25
N PHE E 63 16.78 -9.88 -5.01
CA PHE E 63 17.45 -9.99 -6.29
C PHE E 63 16.58 -9.48 -7.44
N TYR E 64 17.24 -9.09 -8.53
CA TYR E 64 16.50 -8.76 -9.75
C TYR E 64 17.34 -9.14 -10.97
N LEU E 65 16.63 -9.52 -12.04
CA LEU E 65 17.22 -9.92 -13.31
C LEU E 65 16.31 -9.47 -14.44
N LEU E 66 16.91 -9.08 -15.55
CA LEU E 66 16.20 -8.83 -16.79
C LEU E 66 16.56 -9.92 -17.79
N TYR E 67 15.56 -10.64 -18.30
CA TYR E 67 15.73 -11.58 -19.41
C TYR E 67 15.17 -10.96 -20.69
N TYR E 68 15.84 -11.19 -21.81
CA TYR E 68 15.42 -10.49 -23.02
C TYR E 68 15.80 -11.25 -24.29
N THR E 69 15.02 -11.01 -25.34
CA THR E 69 15.24 -11.63 -26.65
C THR E 69 14.77 -10.65 -27.73
N GLU E 70 15.51 -10.61 -28.83
CA GLU E 70 15.10 -9.84 -29.99
C GLU E 70 13.90 -10.48 -30.65
N PHE E 71 12.96 -9.67 -31.11
CA PHE E 71 11.82 -10.19 -31.84
C PHE E 71 11.20 -9.10 -32.70
N THR E 72 10.49 -9.53 -33.72
CA THR E 72 9.70 -8.62 -34.55
C THR E 72 8.23 -8.91 -34.29
N PRO E 73 7.50 -8.05 -33.58
CA PRO E 73 6.10 -8.37 -33.28
C PRO E 73 5.25 -8.43 -34.53
N THR E 74 4.23 -9.30 -34.49
CA THR E 74 3.20 -9.35 -35.52
C THR E 74 1.83 -9.27 -34.85
N GLU E 75 0.77 -9.28 -35.66
CA GLU E 75 -0.56 -9.22 -35.09
C GLU E 75 -0.92 -10.51 -34.36
N LYS E 76 -0.54 -11.66 -34.91
CA LYS E 76 -1.03 -12.94 -34.42
C LYS E 76 -0.16 -13.59 -33.36
N ASP E 77 1.12 -13.25 -33.27
CA ASP E 77 2.00 -13.96 -32.35
C ASP E 77 1.79 -13.48 -30.92
N GLU E 78 1.63 -14.42 -29.99
CA GLU E 78 1.49 -14.07 -28.58
C GLU E 78 2.72 -14.55 -27.81
N TYR E 79 3.07 -13.78 -26.79
CA TYR E 79 4.29 -13.98 -26.04
C TYR E 79 3.98 -14.01 -24.55
N ALA E 80 4.82 -14.73 -23.82
CA ALA E 80 4.64 -14.88 -22.38
C ALA E 80 5.98 -15.20 -21.74
N CYS E 81 6.00 -15.03 -20.42
CA CYS E 81 7.14 -15.32 -19.57
C CYS E 81 6.66 -16.31 -18.52
N ARG E 82 7.39 -17.40 -18.33
CA ARG E 82 7.10 -18.38 -17.28
C ARG E 82 8.25 -18.41 -16.27
N VAL E 83 7.91 -18.31 -14.99
CA VAL E 83 8.91 -18.17 -13.94
C VAL E 83 8.69 -19.26 -12.89
N ASN E 84 9.76 -19.95 -12.53
CA ASN E 84 9.76 -20.89 -11.43
C ASN E 84 10.75 -20.42 -10.37
N HIS E 85 10.41 -20.64 -9.11
CA HIS E 85 11.16 -20.20 -7.95
C HIS E 85 10.69 -21.04 -6.78
N VAL E 86 11.55 -21.22 -5.77
CA VAL E 86 11.23 -22.13 -4.68
C VAL E 86 9.97 -21.72 -3.93
N THR E 87 9.60 -20.43 -3.99
CA THR E 87 8.38 -19.96 -3.33
C THR E 87 7.10 -20.36 -4.07
N LEU E 88 7.20 -20.93 -5.26
CA LEU E 88 6.05 -21.19 -6.11
C LEU E 88 5.78 -22.69 -6.19
N SER E 89 4.52 -23.08 -6.04
CA SER E 89 4.20 -24.51 -6.15
C SER E 89 3.96 -24.95 -7.58
N GLN E 90 3.66 -24.03 -8.49
CA GLN E 90 3.70 -24.24 -9.92
C GLN E 90 4.33 -23.01 -10.56
N PRO E 91 4.98 -23.17 -11.70
CA PRO E 91 5.51 -21.99 -12.39
C PRO E 91 4.39 -21.02 -12.72
N LYS E 92 4.73 -19.74 -12.68
CA LYS E 92 3.80 -18.65 -12.96
C LYS E 92 4.05 -18.14 -14.36
N ILE E 93 2.99 -17.97 -15.15
CA ILE E 93 3.07 -17.44 -16.49
C ILE E 93 2.47 -16.04 -16.50
N VAL E 94 3.17 -15.09 -17.12
CA VAL E 94 2.69 -13.73 -17.35
C VAL E 94 2.72 -13.46 -18.84
N LYS E 95 1.56 -13.13 -19.42
CA LYS E 95 1.47 -12.88 -20.85
C LYS E 95 1.89 -11.45 -21.18
N TRP E 96 2.54 -11.29 -22.34
CA TRP E 96 2.79 -9.95 -22.87
C TRP E 96 1.47 -9.33 -23.36
N ASP E 97 1.17 -8.16 -22.83
CA ASP E 97 -0.06 -7.44 -23.19
C ASP E 97 0.38 -6.11 -23.80
N ARG E 98 0.37 -6.03 -25.13
CA ARG E 98 0.88 -4.82 -25.77
C ARG E 98 -0.08 -3.64 -25.66
N ASP E 99 -1.37 -3.89 -25.40
CA ASP E 99 -2.38 -2.84 -25.36
C ASP E 99 -2.33 -1.97 -24.11
N MET E 100 -1.55 -2.30 -23.10
CA MET E 100 -1.59 -1.56 -21.83
C MET E 100 -1.34 -0.05 -22.03
N LYS F 1 36.52 1.70 -8.48
CA LYS F 1 37.56 0.76 -8.10
C LYS F 1 37.22 0.04 -6.80
N LEU F 2 37.55 -1.25 -6.79
CA LEU F 2 37.32 -2.11 -5.63
C LEU F 2 38.24 -1.75 -4.46
N SER F 3 37.78 -2.04 -3.26
CA SER F 3 38.63 -1.97 -2.08
C SER F 3 39.62 -3.13 -2.07
N HIS F 4 40.78 -2.90 -1.46
CA HIS F 4 41.78 -3.93 -1.26
C HIS F 4 41.90 -4.35 0.21
N GLN F 5 40.94 -4.00 1.05
CA GLN F 5 41.01 -4.34 2.46
C GLN F 5 40.44 -5.74 2.69
N PRO F 6 41.21 -6.68 3.24
CA PRO F 6 40.63 -7.99 3.56
C PRO F 6 39.79 -7.90 4.83
N VAL F 7 38.50 -8.26 4.71
CA VAL F 7 37.54 -8.22 5.81
C VAL F 7 36.92 -9.60 5.98
N LEU F 8 36.90 -10.10 7.21
CA LEU F 8 36.33 -11.41 7.51
C LEU F 8 35.33 -11.29 8.66
N LEU F 9 34.17 -11.90 8.46
CA LEU F 9 33.10 -11.90 9.47
C LEU F 9 33.48 -12.79 10.66
N NO3 G . -18.21 8.76 11.58
O1 NO3 G . -17.99 9.92 11.08
O2 NO3 G . -19.33 8.20 11.36
O3 NO3 G . -17.33 8.15 12.29
N NO3 H . 21.94 1.04 -8.33
O1 NO3 H . 22.72 1.53 -7.42
O2 NO3 H . 22.06 -0.17 -8.71
O3 NO3 H . 21.05 1.78 -8.88
#